data_5M0D
#
_entry.id   5M0D
#
_cell.length_a   62.927
_cell.length_b   88.012
_cell.length_c   77.356
_cell.angle_alpha   90.00
_cell.angle_beta   103.10
_cell.angle_gamma   90.00
#
_symmetry.space_group_name_H-M   'P 1 21 1'
#
loop_
_entity.id
_entity.type
_entity.pdbx_description
1 polymer 'Ectonucleotide pyrophosphatase/phosphodiesterase family member 2,Ectonucleotide pyrophosphatase/phosphodiesterase family member 2'
2 branched alpha-D-mannopyranose-(1-2)-alpha-D-mannopyranose-(1-3)-[alpha-D-mannopyranose-(1-6)]alpha-D-mannopyranose-(1-6)-[alpha-D-mannopyranose-(1-3)]beta-D-mannopyranose-(1-4)-2-acetamido-2-deoxy-beta-D-glucopyranose-(1-4)-2-acetamido-2-deoxy-beta-D-glucopyranose
3 non-polymer 'IODIDE ION'
4 non-polymer 'ZINC ION'
5 non-polymer 'CALCIUM ION'
6 non-polymer '[3,5-bis(chloranyl)phenyl]methyl 4-[(4~{R})-4-[(3~{R},5~{S},7~{S},8~{R},9~{S},10~{S},13~{R},14~{S},17~{R})-10,13-dimethyl-3,7-bis(oxidanyl)-2,3,4,5,6,7,8,9,11,12,14,15,16,17-tetradecahydro-1~{H}-cyclopenta[a]phenanthren-17-yl]pentyl]piperazine-1-carboxylate'
7 non-polymer 'SODIUM ION'
8 non-polymer 'THIOCYANATE ION'
9 non-polymer GLYCEROL
10 water water
#
_entity_poly.entity_id   1
_entity_poly.type   'polypeptide(L)'
_entity_poly.pdbx_seq_one_letter_code
;AEWDEGPPTVLSDSPWTNTSGSCKGRCFELQEVGPPDCRCDNLCKSYSSCCHDFDELCLKTARGWECTKDRCGEVRNEEN
ACHCSEDCLSRGDCCTNYQVVCKGESHWVDDDCEEIKVPECPAGFVRPPLIIFSVDGFRASYMKKGSKVMPNIEKLRSCG
THAPYMRPVYPTKTFPNLYTLATGLYPESHGIVGNSMYDPVFDASFHLRGREKFNHRWWGGQPLWITATKQGVRAGTFFW
SVSIPHERRILTILQWLSLPDNERPSVYAFYSEQPDFSGHKYGPFGPEMTNPLREIDKTVGQLMDGLKQLRLHRCVNVIF
VGDHGMEDVTCDRTEFLSNYLTNVDDITLVPGTLGRIRAKSINNSKYDPKTIIAALTCKKPDQHFKPYMKQHLPKRLHYA
NNRRIEDIHLLVDRRWHVARKPLDVYKKPSGKCFFQGDHGFDNKVNSMQTVFVGYGPTFKYRTKVPPFENIELYNVMCDL
LGLKPAPNNGTHGSLNHLLRTNTFRPTMPDEVSRPNYPGIMYLQSEFDLGCTCDDKVEPKNKLEEFNKRLHTKGSTKERH
LLYGRPAVLYRTSYDILYHTDFESGYSEIFLMPLWTSYTISKQAEVSSIPEHLTNCVRPDVRVSPGFSQNCLAYKNDKQM
SYGFLFPPYLSSSPEAKYDAFLVTNMVPMYPAFKRVWAYFQRVLVKKYASERNGVNVISGPIFDYNYDGLRDTEDEIKQY
VEGSSIPVPTHYYSIITSCLDFTQPADKCDGPLSVSSFILPHRPDNDESCASSEDESKWVEELMKMHTARVRDIEHLTGL
DFYRKTSRSYSEILTLKTYLHTYESEI
;
_entity_poly.pdbx_strand_id   A
#
loop_
_chem_comp.id
_chem_comp.type
_chem_comp.name
_chem_comp.formula
7C8 non-polymer '[3,5-bis(chloranyl)phenyl]methyl 4-[(4~{R})-4-[(3~{R},5~{S},7~{S},8~{R},9~{S},10~{S},13~{R},14~{S},17~{R})-10,13-dimethyl-3,7-bis(oxidanyl)-2,3,4,5,6,7,8,9,11,12,14,15,16,17-tetradecahydro-1~{H}-cyclopenta[a]phenanthren-17-yl]pentyl]piperazine-1-carboxylate' 'C36 H54 Cl2 N2 O4'
BMA D-saccharide, beta linking beta-D-mannopyranose 'C6 H12 O6'
CA non-polymer 'CALCIUM ION' 'Ca 2'
GOL non-polymer GLYCEROL 'C3 H8 O3'
IOD non-polymer 'IODIDE ION' 'I -1'
MAN D-saccharide, alpha linking alpha-D-mannopyranose 'C6 H12 O6'
NA non-polymer 'SODIUM ION' 'Na 1'
NAG D-saccharide, beta linking 2-acetamido-2-deoxy-beta-D-glucopyranose 'C8 H15 N O6'
SCN non-polymer 'THIOCYANATE ION' 'C N S -1'
ZN non-polymer 'ZINC ION' 'Zn 2'
#
# COMPACT_ATOMS: atom_id res chain seq x y z
N GLY A 21 41.39 -18.79 -6.37
CA GLY A 21 41.69 -19.24 -4.98
C GLY A 21 41.99 -18.18 -3.92
N SER A 22 41.97 -16.89 -4.27
CA SER A 22 42.37 -15.83 -3.32
C SER A 22 41.74 -14.47 -3.59
N CYS A 23 41.33 -13.80 -2.52
CA CYS A 23 40.61 -12.53 -2.58
C CYS A 23 41.47 -11.25 -2.53
N LYS A 24 42.80 -11.38 -2.56
CA LYS A 24 43.71 -10.22 -2.38
C LYS A 24 43.39 -9.09 -3.35
N GLY A 25 43.11 -7.90 -2.80
CA GLY A 25 42.67 -6.75 -3.59
C GLY A 25 41.27 -6.82 -4.20
N ARG A 26 40.52 -7.87 -3.88
CA ARG A 26 39.21 -8.14 -4.49
C ARG A 26 38.09 -8.15 -3.43
N CYS A 27 38.36 -7.67 -2.22
CA CYS A 27 37.38 -7.80 -1.13
C CYS A 27 36.19 -6.91 -1.38
N PHE A 28 35.01 -7.51 -1.33
CA PHE A 28 33.75 -6.84 -1.62
C PHE A 28 33.70 -6.22 -3.02
N GLU A 29 34.25 -6.96 -4.00
CA GLU A 29 34.17 -6.60 -5.42
C GLU A 29 32.69 -6.55 -5.85
N LEU A 30 32.40 -5.74 -6.85
CA LEU A 30 31.02 -5.46 -7.26
C LEU A 30 30.59 -6.27 -8.50
N GLN A 31 30.72 -7.60 -8.41
CA GLN A 31 30.45 -8.50 -9.53
C GLN A 31 30.41 -9.98 -9.12
N GLU A 32 29.90 -10.82 -10.01
CA GLU A 32 29.95 -12.28 -9.84
C GLU A 32 31.00 -12.86 -10.80
N VAL A 33 31.89 -13.69 -10.26
CA VAL A 33 33.04 -14.20 -11.01
C VAL A 33 32.71 -15.52 -11.71
N GLY A 34 32.93 -16.66 -11.04
CA GLY A 34 32.74 -17.98 -11.66
C GLY A 34 33.56 -18.20 -12.92
N PRO A 35 33.09 -19.08 -13.82
CA PRO A 35 32.02 -20.04 -13.55
C PRO A 35 32.43 -21.08 -12.48
N PRO A 36 33.69 -21.55 -12.50
CA PRO A 36 34.18 -22.31 -11.34
C PRO A 36 34.84 -21.46 -10.24
N ASP A 37 35.40 -20.30 -10.59
CA ASP A 37 36.30 -19.55 -9.69
C ASP A 37 35.60 -18.96 -8.48
N CYS A 38 36.36 -18.85 -7.38
CA CYS A 38 35.81 -18.46 -6.09
C CYS A 38 35.51 -16.98 -6.02
N ARG A 39 34.52 -16.62 -5.22
CA ARG A 39 34.02 -15.26 -5.12
C ARG A 39 34.61 -14.51 -3.93
N CYS A 40 34.51 -13.19 -4.00
CA CYS A 40 34.91 -12.29 -2.90
C CYS A 40 33.91 -11.14 -2.68
N ASP A 41 32.68 -11.34 -3.15
CA ASP A 41 31.61 -10.32 -3.06
C ASP A 41 30.87 -10.45 -1.74
N ASN A 42 29.99 -9.50 -1.46
CA ASN A 42 29.21 -9.50 -0.21
C ASN A 42 28.17 -10.63 -0.08
N LEU A 43 27.90 -11.36 -1.17
CA LEU A 43 26.98 -12.52 -1.16
C LEU A 43 27.63 -13.91 -1.16
N CYS A 44 28.95 -13.99 -1.39
CA CYS A 44 29.63 -15.29 -1.54
C CYS A 44 29.43 -16.24 -0.36
N LYS A 45 29.28 -15.67 0.83
CA LYS A 45 29.00 -16.44 2.06
C LYS A 45 27.66 -17.19 2.00
N SER A 46 26.61 -16.49 1.57
CA SER A 46 25.30 -17.13 1.37
C SER A 46 25.33 -18.23 0.28
N TYR A 47 26.22 -18.08 -0.71
CA TYR A 47 26.36 -19.04 -1.83
C TYR A 47 27.50 -20.08 -1.68
N SER A 48 28.08 -20.22 -0.49
CA SER A 48 29.15 -21.20 -0.21
C SER A 48 30.24 -21.23 -1.27
N SER A 49 30.68 -20.05 -1.69
CA SER A 49 31.64 -19.94 -2.78
C SER A 49 32.67 -18.83 -2.58
N CYS A 50 33.01 -18.53 -1.33
CA CYS A 50 34.09 -17.57 -1.05
C CYS A 50 35.44 -18.28 -1.16
N CYS A 51 36.46 -17.55 -1.61
CA CYS A 51 37.81 -18.09 -1.63
C CYS A 51 38.25 -18.41 -0.20
N HIS A 52 39.25 -19.29 -0.08
CA HIS A 52 39.73 -19.80 1.21
C HIS A 52 40.17 -18.69 2.20
N ASP A 53 40.67 -17.58 1.67
CA ASP A 53 41.18 -16.46 2.48
C ASP A 53 40.25 -15.24 2.51
N PHE A 54 38.97 -15.42 2.14
CA PHE A 54 37.96 -14.37 2.25
C PHE A 54 37.82 -13.95 3.71
N ASP A 55 37.57 -14.94 4.57
CA ASP A 55 37.45 -14.72 6.01
C ASP A 55 38.66 -14.02 6.59
N GLU A 56 39.85 -14.51 6.27
CA GLU A 56 41.09 -13.96 6.81
C GLU A 56 41.35 -12.54 6.30
N LEU A 57 41.14 -12.29 5.00
CA LEU A 57 41.46 -10.98 4.39
C LEU A 57 40.35 -9.95 4.48
N CYS A 58 39.14 -10.35 4.10
CA CYS A 58 38.04 -9.41 3.89
C CYS A 58 37.17 -9.16 5.13
N LEU A 59 37.38 -9.95 6.19
CA LEU A 59 36.60 -9.80 7.43
C LEU A 59 37.51 -9.71 8.64
N LYS A 60 38.45 -8.77 8.59
CA LYS A 60 39.36 -8.51 9.72
C LYS A 60 38.56 -7.86 10.85
N THR A 61 38.75 -8.33 12.08
CA THR A 61 38.11 -7.75 13.28
C THR A 61 39.09 -6.97 14.17
N ALA A 62 40.39 -7.23 14.04
CA ALA A 62 41.43 -6.68 14.93
C ALA A 62 41.24 -5.19 15.28
N ARG A 63 41.15 -4.92 16.59
CA ARG A 63 41.09 -3.56 17.16
C ARG A 63 39.77 -2.81 16.97
N GLY A 64 38.66 -3.53 16.79
CA GLY A 64 37.35 -2.92 16.79
C GLY A 64 37.07 -2.09 15.54
N TRP A 65 36.06 -1.21 15.64
CA TRP A 65 35.65 -0.35 14.51
C TRP A 65 35.71 1.14 14.83
N GLU A 66 36.55 1.54 15.77
CA GLU A 66 36.62 2.92 16.25
C GLU A 66 38.05 3.28 16.59
N CYS A 67 38.60 4.30 15.94
CA CYS A 67 39.89 4.84 16.35
C CYS A 67 39.81 5.36 17.79
N THR A 68 40.94 5.27 18.49
CA THR A 68 41.12 5.84 19.83
C THR A 68 42.31 6.80 19.81
N LYS A 69 42.34 7.71 20.78
CA LYS A 69 43.32 8.81 20.81
C LYS A 69 44.73 8.31 20.52
N ASP A 70 45.18 7.31 21.28
CA ASP A 70 46.58 6.83 21.17
C ASP A 70 46.91 5.99 19.91
N ARG A 71 45.89 5.70 19.08
CA ARG A 71 46.08 5.09 17.75
C ARG A 71 46.26 6.09 16.58
N CYS A 72 46.20 7.39 16.83
CA CYS A 72 46.25 8.38 15.75
C CYS A 72 47.66 8.59 15.16
N GLY A 73 47.74 8.61 13.83
CA GLY A 73 49.02 8.69 13.10
C GLY A 73 49.88 7.46 13.31
N GLU A 74 49.25 6.29 13.19
CA GLU A 74 49.86 5.01 13.60
C GLU A 74 50.66 4.33 12.51
N VAL A 75 51.47 3.37 12.96
CA VAL A 75 51.99 2.29 12.12
C VAL A 75 50.81 1.63 11.38
N ARG A 76 50.85 1.65 10.05
CA ARG A 76 49.81 0.97 9.26
C ARG A 76 49.97 -0.54 9.41
N ASN A 77 48.98 -1.18 10.04
CA ASN A 77 48.93 -2.63 10.21
C ASN A 77 47.75 -3.22 9.43
N GLU A 78 48.07 -4.05 8.44
CA GLU A 78 47.08 -4.59 7.49
C GLU A 78 46.13 -5.65 8.06
N GLU A 79 46.37 -6.09 9.30
CA GLU A 79 45.41 -6.94 10.00
C GLU A 79 44.27 -6.19 10.68
N ASN A 80 44.34 -4.86 10.73
CA ASN A 80 43.30 -4.04 11.35
C ASN A 80 42.00 -4.04 10.52
N ALA A 81 40.87 -3.95 11.21
CA ALA A 81 39.53 -3.96 10.57
C ALA A 81 39.30 -2.68 9.78
N CYS A 82 39.59 -1.55 10.43
CA CYS A 82 39.66 -0.22 9.81
C CYS A 82 40.89 0.49 10.36
N HIS A 83 41.32 1.59 9.74
CA HIS A 83 42.66 2.17 9.98
C HIS A 83 42.67 3.59 10.56
N CYS A 84 43.75 3.92 11.29
CA CYS A 84 44.01 5.28 11.77
C CYS A 84 45.39 5.80 11.29
N SER A 85 45.95 5.18 10.25
CA SER A 85 47.19 5.65 9.63
C SER A 85 46.92 6.89 8.78
N GLU A 86 47.93 7.75 8.64
CA GLU A 86 47.81 9.00 7.89
C GLU A 86 47.38 8.81 6.42
N ASP A 87 47.78 7.70 5.81
CA ASP A 87 47.32 7.32 4.45
C ASP A 87 45.87 6.83 4.35
N CYS A 88 45.25 6.47 5.48
CA CYS A 88 43.92 5.85 5.43
C CYS A 88 42.94 6.66 4.59
N LEU A 89 43.00 8.00 4.70
CA LEU A 89 42.03 8.88 4.00
C LEU A 89 42.12 8.78 2.47
N SER A 90 43.34 8.66 1.96
CA SER A 90 43.58 8.34 0.55
C SER A 90 42.81 7.11 0.04
N ARG A 91 42.67 6.07 0.88
CA ARG A 91 42.23 4.72 0.48
C ARG A 91 40.78 4.40 0.86
N GLY A 92 40.06 5.38 1.42
CA GLY A 92 38.69 5.19 1.86
C GLY A 92 38.49 4.17 2.97
N ASP A 93 39.57 3.79 3.67
CA ASP A 93 39.55 2.68 4.63
C ASP A 93 40.01 3.05 6.04
N CYS A 94 39.77 4.32 6.44
CA CYS A 94 39.80 4.68 7.86
C CYS A 94 38.57 4.14 8.56
N CYS A 95 38.62 4.15 9.89
CA CYS A 95 37.43 3.98 10.71
C CYS A 95 36.59 5.25 10.56
N THR A 96 35.30 5.15 10.84
CA THR A 96 34.37 6.25 10.58
C THR A 96 34.60 7.43 11.52
N ASN A 97 35.16 7.16 12.71
CA ASN A 97 35.49 8.22 13.67
C ASN A 97 36.92 8.77 13.58
N TYR A 98 37.71 8.33 12.59
CA TYR A 98 39.15 8.65 12.52
C TYR A 98 39.40 10.14 12.70
N GLN A 99 38.74 10.94 11.88
CA GLN A 99 38.94 12.39 11.90
C GLN A 99 38.36 13.07 13.15
N VAL A 100 37.37 12.44 13.78
CA VAL A 100 36.77 12.97 15.01
C VAL A 100 37.78 12.86 16.14
N VAL A 101 38.37 11.68 16.29
CA VAL A 101 39.35 11.40 17.35
C VAL A 101 40.75 11.98 17.04
N CYS A 102 41.21 11.87 15.80
CA CYS A 102 42.59 12.26 15.40
C CYS A 102 42.74 13.69 14.91
N LYS A 103 41.94 14.08 13.91
CA LYS A 103 42.02 15.41 13.28
C LYS A 103 40.99 16.40 13.88
N GLY A 104 40.49 16.10 15.08
CA GLY A 104 39.67 17.03 15.86
C GLY A 104 38.37 17.49 15.22
N GLU A 105 37.74 16.63 14.42
CA GLU A 105 36.40 16.93 13.89
C GLU A 105 35.35 16.67 14.96
N SER A 106 34.16 17.20 14.74
CA SER A 106 33.00 16.83 15.54
C SER A 106 32.22 15.75 14.77
N HIS A 107 31.51 14.91 15.51
CA HIS A 107 30.58 13.98 14.88
C HIS A 107 29.54 14.78 14.08
N TRP A 108 29.11 14.23 12.94
CA TRP A 108 27.99 14.78 12.15
C TRP A 108 26.76 15.13 12.99
N VAL A 109 26.46 14.30 13.97
CA VAL A 109 25.33 14.54 14.88
C VAL A 109 25.48 15.83 15.72
N ASP A 110 26.71 16.20 16.06
CA ASP A 110 26.98 17.39 16.89
C ASP A 110 27.09 18.69 16.10
N ASP A 111 26.68 18.66 14.83
CA ASP A 111 26.61 19.86 13.99
C ASP A 111 25.17 20.30 13.83
N ASP A 112 24.98 21.57 13.49
CA ASP A 112 23.65 22.14 13.25
C ASP A 112 23.11 21.64 11.94
N CYS A 113 21.77 21.54 11.82
CA CYS A 113 21.11 21.43 10.51
C CYS A 113 21.64 22.58 9.68
N GLU A 114 22.02 22.28 8.45
CA GLU A 114 22.30 23.31 7.45
C GLU A 114 21.61 22.86 6.20
N GLU A 115 20.86 23.76 5.60
CA GLU A 115 20.09 23.43 4.42
C GLU A 115 21.05 23.11 3.28
N ILE A 116 20.73 22.06 2.53
CA ILE A 116 21.48 21.63 1.38
C ILE A 116 20.69 22.10 0.15
N LYS A 117 20.99 23.32 -0.30
CA LYS A 117 20.27 23.95 -1.42
C LYS A 117 20.61 23.34 -2.79
N VAL A 118 21.82 22.80 -2.89
CA VAL A 118 22.26 22.00 -4.05
C VAL A 118 23.13 20.85 -3.55
N PRO A 119 23.32 19.79 -4.37
CA PRO A 119 24.21 18.70 -3.99
C PRO A 119 25.72 19.09 -4.05
N GLU A 120 26.39 19.10 -2.89
CA GLU A 120 27.84 19.35 -2.81
C GLU A 120 28.58 18.05 -2.94
N CYS A 121 28.92 17.70 -4.17
CA CYS A 121 29.67 16.48 -4.47
C CYS A 121 31.06 16.85 -4.97
N PRO A 122 32.03 15.91 -4.86
CA PRO A 122 33.27 16.12 -5.58
C PRO A 122 33.11 16.00 -7.11
N ALA A 123 34.16 16.44 -7.81
CA ALA A 123 34.20 16.42 -9.28
C ALA A 123 34.12 14.98 -9.77
N GLY A 124 33.34 14.77 -10.83
CA GLY A 124 33.15 13.43 -11.39
C GLY A 124 31.82 12.80 -11.03
N PHE A 125 31.32 13.08 -9.83
CA PHE A 125 30.00 12.60 -9.40
C PHE A 125 28.94 13.17 -10.33
N VAL A 126 28.44 12.35 -11.23
CA VAL A 126 27.42 12.77 -12.22
C VAL A 126 25.98 12.88 -11.66
N ARG A 127 25.72 12.23 -10.52
CA ARG A 127 24.43 12.39 -9.82
C ARG A 127 24.63 12.28 -8.30
N PRO A 128 23.71 12.85 -7.50
CA PRO A 128 23.76 12.59 -6.06
C PRO A 128 23.53 11.10 -5.81
N PRO A 129 24.39 10.44 -5.00
CA PRO A 129 24.09 9.05 -4.72
C PRO A 129 22.90 8.91 -3.78
N LEU A 130 22.27 7.74 -3.83
CA LEU A 130 21.20 7.35 -2.90
C LEU A 130 21.65 6.19 -2.04
N ILE A 131 21.58 6.34 -0.71
CA ILE A 131 21.72 5.22 0.23
C ILE A 131 20.36 4.95 0.93
N ILE A 132 19.87 3.72 0.77
CA ILE A 132 18.65 3.28 1.47
C ILE A 132 19.07 2.56 2.75
N PHE A 133 18.63 3.08 3.90
CA PHE A 133 18.98 2.50 5.19
C PHE A 133 17.70 1.87 5.73
N SER A 134 17.53 0.55 5.52
CA SER A 134 16.30 -0.15 5.87
C SER A 134 16.39 -0.81 7.25
N VAL A 135 15.42 -0.50 8.11
CA VAL A 135 15.37 -1.09 9.46
C VAL A 135 14.14 -1.99 9.61
N ASP A 136 14.38 -3.22 10.04
CA ASP A 136 13.34 -4.21 10.17
C ASP A 136 12.59 -4.07 11.52
N GLY A 137 11.26 -4.09 11.46
CA GLY A 137 10.42 -4.06 12.67
C GLY A 137 10.32 -2.73 13.36
N PHE A 138 10.67 -1.64 12.66
CA PHE A 138 10.71 -0.30 13.23
C PHE A 138 9.30 0.35 13.25
N ARG A 139 8.66 0.26 14.40
CA ARG A 139 7.38 0.91 14.70
C ARG A 139 7.49 2.44 14.63
N ALA A 140 6.56 3.09 13.93
CA ALA A 140 6.52 4.56 13.77
C ALA A 140 6.63 5.36 15.07
N SER A 141 5.99 4.87 16.14
CA SER A 141 6.05 5.52 17.47
C SER A 141 7.39 5.40 18.21
N TYR A 142 8.31 4.55 17.74
CA TYR A 142 9.69 4.53 18.30
C TYR A 142 10.38 5.88 18.15
N MET A 143 9.98 6.67 17.15
CA MET A 143 10.49 8.04 16.96
C MET A 143 10.13 9.01 18.10
N LYS A 144 9.17 8.67 18.96
CA LYS A 144 8.83 9.49 20.14
C LYS A 144 9.99 9.54 21.15
N LYS A 145 10.78 8.46 21.25
CA LYS A 145 11.92 8.38 22.18
C LYS A 145 13.00 9.45 21.94
N GLY A 146 13.14 9.89 20.69
CA GLY A 146 13.86 11.11 20.36
C GLY A 146 15.36 11.06 20.51
N SER A 147 15.96 12.25 20.51
CA SER A 147 17.40 12.43 20.58
C SER A 147 18.00 11.89 21.89
N LYS A 148 17.18 11.77 22.93
CA LYS A 148 17.56 11.04 24.17
C LYS A 148 18.08 9.63 23.91
N VAL A 149 17.49 8.94 22.94
CA VAL A 149 17.86 7.56 22.59
C VAL A 149 18.52 7.46 21.21
N MET A 150 17.99 8.19 20.23
CA MET A 150 18.52 8.19 18.86
C MET A 150 18.81 9.64 18.39
N PRO A 151 20.03 10.16 18.66
CA PRO A 151 20.40 11.50 18.19
C PRO A 151 20.54 11.64 16.66
N ASN A 152 21.20 10.67 16.03
CA ASN A 152 21.47 10.70 14.59
C ASN A 152 20.22 10.59 13.73
N ILE A 153 19.34 9.65 14.08
CA ILE A 153 18.07 9.48 13.38
C ILE A 153 17.20 10.72 13.62
N GLU A 154 17.16 11.21 14.86
CA GLU A 154 16.39 12.41 15.20
C GLU A 154 16.88 13.65 14.45
N LYS A 155 18.17 13.67 14.09
CA LYS A 155 18.69 14.74 13.24
C LYS A 155 18.24 14.59 11.77
N LEU A 156 18.35 13.38 11.21
CA LEU A 156 17.89 13.14 9.83
C LEU A 156 16.44 13.55 9.69
N ARG A 157 15.62 13.03 10.60
CA ARG A 157 14.18 13.29 10.65
C ARG A 157 13.86 14.78 10.70
N SER A 158 14.44 15.48 11.67
CA SER A 158 14.19 16.90 11.90
C SER A 158 14.74 17.81 10.82
N CYS A 159 15.99 17.58 10.41
CA CYS A 159 16.64 18.42 9.39
C CYS A 159 16.12 18.14 8.00
N GLY A 160 15.76 16.88 7.73
CA GLY A 160 15.30 16.47 6.41
C GLY A 160 13.77 16.50 6.27
N THR A 161 13.27 15.58 5.44
CA THR A 161 11.85 15.43 5.16
C THR A 161 11.35 14.17 5.85
N HIS A 162 10.30 14.28 6.65
CA HIS A 162 9.76 13.14 7.42
C HIS A 162 8.24 13.03 7.32
N ALA A 163 7.71 11.82 7.46
CA ALA A 163 6.27 11.56 7.61
C ALA A 163 5.99 11.06 9.04
N PRO A 164 4.81 11.40 9.60
CA PRO A 164 4.42 10.84 10.91
C PRO A 164 4.49 9.31 10.94
N TYR A 165 4.15 8.67 9.82
CA TYR A 165 4.36 7.24 9.62
C TYR A 165 4.24 6.90 8.15
N MET A 166 4.57 5.65 7.83
CA MET A 166 4.42 5.14 6.48
C MET A 166 3.73 3.79 6.59
N ARG A 167 2.75 3.59 5.71
CA ARG A 167 1.93 2.41 5.71
C ARG A 167 2.66 1.34 4.91
N PRO A 168 2.91 0.18 5.52
CA PRO A 168 3.43 -0.97 4.81
C PRO A 168 2.37 -1.68 3.95
N VAL A 169 2.79 -2.68 3.17
CA VAL A 169 1.85 -3.57 2.46
C VAL A 169 1.48 -4.76 3.33
N TYR A 170 0.26 -5.28 3.13
CA TYR A 170 -0.21 -6.52 3.76
C TYR A 170 0.27 -7.72 2.92
N PRO A 171 0.75 -8.80 3.55
CA PRO A 171 0.89 -8.95 4.99
C PRO A 171 2.08 -8.15 5.51
N THR A 172 1.97 -7.64 6.73
CA THR A 172 2.99 -6.76 7.27
C THR A 172 4.20 -7.55 7.80
N LYS A 173 4.78 -8.31 6.87
CA LYS A 173 5.92 -9.17 7.08
C LYS A 173 7.09 -8.56 6.33
N THR A 174 8.28 -9.12 6.57
CA THR A 174 9.53 -8.55 6.04
C THR A 174 9.66 -8.65 4.53
N PHE A 175 9.65 -9.87 4.00
CA PHE A 175 9.99 -10.08 2.58
C PHE A 175 8.97 -9.48 1.58
N PRO A 176 7.66 -9.52 1.91
CA PRO A 176 6.71 -8.79 1.05
C PRO A 176 6.92 -7.27 1.05
N ASN A 177 7.24 -6.71 2.22
CA ASN A 177 7.46 -5.26 2.37
C ASN A 177 8.79 -4.78 1.86
N LEU A 178 9.85 -5.56 2.07
CA LEU A 178 11.16 -5.19 1.51
C LEU A 178 11.13 -5.24 -0.01
N TYR A 179 10.53 -6.28 -0.58
CA TYR A 179 10.44 -6.38 -2.04
C TYR A 179 9.38 -5.42 -2.64
N THR A 180 8.43 -4.95 -1.84
CA THR A 180 7.51 -3.88 -2.29
C THR A 180 8.26 -2.56 -2.42
N LEU A 181 9.10 -2.26 -1.42
CA LEU A 181 10.01 -1.10 -1.48
C LEU A 181 10.88 -1.12 -2.73
N ALA A 182 11.45 -2.28 -3.02
CA ALA A 182 12.35 -2.44 -4.17
C ALA A 182 11.69 -2.30 -5.53
N THR A 183 10.39 -2.59 -5.64
CA THR A 183 9.68 -2.73 -6.93
C THR A 183 8.52 -1.76 -7.24
N GLY A 184 7.94 -1.13 -6.20
CA GLY A 184 6.71 -0.34 -6.34
C GLY A 184 5.41 -1.15 -6.43
N LEU A 185 5.50 -2.46 -6.19
CA LEU A 185 4.40 -3.36 -6.49
C LEU A 185 3.75 -3.90 -5.22
N TYR A 186 2.46 -4.24 -5.33
CA TYR A 186 1.76 -5.01 -4.31
C TYR A 186 2.38 -6.43 -4.30
N PRO A 187 2.45 -7.08 -3.13
CA PRO A 187 2.91 -8.47 -3.06
C PRO A 187 2.25 -9.46 -4.03
N GLU A 188 0.99 -9.23 -4.40
CA GLU A 188 0.32 -10.09 -5.37
C GLU A 188 0.90 -9.93 -6.79
N SER A 189 1.46 -8.77 -7.08
CA SER A 189 2.10 -8.53 -8.37
C SER A 189 3.56 -8.99 -8.37
N HIS A 190 4.34 -8.63 -7.35
CA HIS A 190 5.79 -9.00 -7.35
C HIS A 190 6.06 -10.46 -6.93
N GLY A 191 5.10 -11.09 -6.25
CA GLY A 191 5.08 -12.55 -6.10
C GLY A 191 5.47 -13.06 -4.71
N ILE A 192 5.87 -12.15 -3.84
CA ILE A 192 6.44 -12.47 -2.54
C ILE A 192 5.30 -12.13 -1.60
N VAL A 193 4.32 -13.01 -1.63
CA VAL A 193 3.03 -12.82 -0.96
C VAL A 193 3.09 -13.16 0.54
N GLY A 194 4.18 -13.79 0.96
CA GLY A 194 4.48 -13.93 2.37
C GLY A 194 5.92 -14.35 2.58
N ASN A 195 6.37 -14.31 3.84
CA ASN A 195 7.69 -14.86 4.22
C ASN A 195 7.76 -16.34 3.90
N SER A 196 6.60 -17.01 4.03
CA SER A 196 6.40 -18.41 3.67
C SER A 196 5.29 -18.49 2.64
N MET A 197 5.47 -19.31 1.60
CA MET A 197 4.44 -19.51 0.59
C MET A 197 4.64 -20.77 -0.25
N TYR A 198 3.52 -21.33 -0.74
CA TYR A 198 3.52 -22.48 -1.64
C TYR A 198 3.00 -22.10 -3.02
N ASP A 199 3.70 -22.54 -4.06
CA ASP A 199 3.32 -22.30 -5.45
C ASP A 199 2.92 -23.62 -6.11
N PRO A 200 1.62 -23.77 -6.46
CA PRO A 200 1.08 -25.02 -7.00
C PRO A 200 1.52 -25.39 -8.43
N VAL A 201 2.11 -24.46 -9.18
CA VAL A 201 2.72 -24.77 -10.49
C VAL A 201 4.18 -25.21 -10.33
N PHE A 202 4.89 -24.61 -9.38
CA PHE A 202 6.25 -25.09 -9.07
C PHE A 202 6.21 -26.37 -8.25
N ASP A 203 5.13 -26.59 -7.48
CA ASP A 203 5.09 -27.64 -6.46
C ASP A 203 6.31 -27.53 -5.55
N ALA A 204 6.48 -26.33 -5.00
CA ALA A 204 7.60 -26.03 -4.12
C ALA A 204 7.21 -24.92 -3.16
N SER A 205 7.97 -24.81 -2.08
CA SER A 205 7.69 -23.86 -1.01
C SER A 205 8.87 -22.94 -0.74
N PHE A 206 8.55 -21.71 -0.36
CA PHE A 206 9.52 -20.65 -0.15
C PHE A 206 9.42 -20.33 1.34
N HIS A 207 10.57 -20.33 2.00
CA HIS A 207 10.71 -19.94 3.41
C HIS A 207 11.97 -19.10 3.60
N LEU A 208 11.94 -18.26 4.63
CA LEU A 208 13.07 -17.41 5.04
C LEU A 208 14.34 -18.25 5.08
N ARG A 209 14.23 -19.44 5.67
CA ARG A 209 15.31 -20.41 5.77
C ARG A 209 15.13 -21.54 4.73
N GLY A 210 16.06 -21.63 3.78
CA GLY A 210 15.98 -22.63 2.70
C GLY A 210 16.68 -22.14 1.46
N ARG A 211 16.92 -23.05 0.51
CA ARG A 211 17.62 -22.74 -0.74
C ARG A 211 16.68 -22.29 -1.87
N GLU A 212 15.39 -22.59 -1.72
CA GLU A 212 14.38 -22.29 -2.74
C GLU A 212 14.25 -20.80 -3.05
N LYS A 213 14.36 -19.97 -2.02
CA LYS A 213 14.37 -18.51 -2.14
C LYS A 213 15.49 -17.91 -3.01
N PHE A 214 16.51 -18.70 -3.35
CA PHE A 214 17.55 -18.26 -4.29
C PHE A 214 17.16 -18.42 -5.77
N ASN A 215 16.14 -19.23 -6.06
CA ASN A 215 15.61 -19.31 -7.43
C ASN A 215 14.98 -17.98 -7.86
N HIS A 216 15.37 -17.50 -9.04
CA HIS A 216 14.91 -16.22 -9.58
C HIS A 216 13.39 -16.24 -9.88
N ARG A 217 12.87 -17.43 -10.21
CA ARG A 217 11.44 -17.62 -10.52
C ARG A 217 10.43 -17.11 -9.48
N TRP A 218 10.82 -17.06 -8.21
CA TRP A 218 9.95 -16.54 -7.15
C TRP A 218 9.82 -15.03 -7.12
N TRP A 219 10.72 -14.32 -7.79
CA TRP A 219 10.83 -12.87 -7.64
C TRP A 219 10.49 -12.22 -8.97
N GLY A 220 9.32 -11.58 -9.03
CA GLY A 220 8.86 -10.86 -10.21
C GLY A 220 9.05 -9.36 -10.09
N GLY A 221 8.42 -8.63 -11.02
CA GLY A 221 8.55 -7.18 -11.07
C GLY A 221 9.92 -6.76 -11.57
N GLN A 222 10.28 -5.51 -11.26
CA GLN A 222 11.63 -5.02 -11.52
C GLN A 222 12.13 -4.21 -10.34
N PRO A 223 12.95 -4.83 -9.48
CA PRO A 223 13.52 -4.07 -8.36
C PRO A 223 14.43 -2.92 -8.82
N LEU A 224 14.56 -1.91 -7.95
CA LEU A 224 15.34 -0.67 -8.22
C LEU A 224 16.72 -0.86 -8.87
N TRP A 225 17.46 -1.86 -8.38
CA TRP A 225 18.85 -2.14 -8.82
C TRP A 225 18.91 -2.70 -10.25
N ILE A 226 17.83 -3.35 -10.69
CA ILE A 226 17.69 -3.77 -12.09
C ILE A 226 17.35 -2.57 -13.01
N THR A 227 16.46 -1.69 -12.53
CA THR A 227 16.07 -0.47 -13.27
C THR A 227 17.27 0.45 -13.42
N ALA A 228 18.05 0.55 -12.35
CA ALA A 228 19.33 1.24 -12.38
C ALA A 228 20.23 0.67 -13.47
N THR A 229 20.57 -0.61 -13.34
CA THR A 229 21.52 -1.28 -14.24
C THR A 229 21.10 -1.28 -15.70
N LYS A 230 19.81 -1.49 -15.98
CA LYS A 230 19.30 -1.49 -17.36
C LYS A 230 19.38 -0.13 -18.05
N GLN A 231 19.44 0.95 -17.27
CA GLN A 231 19.55 2.32 -17.78
C GLN A 231 20.97 2.90 -17.51
N GLY A 232 21.98 2.03 -17.46
CA GLY A 232 23.36 2.42 -17.29
C GLY A 232 23.73 3.12 -15.99
N VAL A 233 22.97 2.89 -14.92
CA VAL A 233 23.26 3.45 -13.61
C VAL A 233 23.72 2.30 -12.70
N ARG A 234 24.85 2.50 -12.06
CA ARG A 234 25.57 1.40 -11.40
C ARG A 234 24.98 1.12 -10.02
N ALA A 235 24.61 -0.14 -9.79
CA ALA A 235 23.82 -0.50 -8.62
C ALA A 235 24.70 -1.15 -7.57
N GLY A 236 24.87 -0.48 -6.43
CA GLY A 236 25.63 -1.01 -5.30
C GLY A 236 24.95 -2.27 -4.81
N THR A 237 25.75 -3.25 -4.39
CA THR A 237 25.19 -4.56 -4.08
C THR A 237 24.21 -4.42 -2.93
N PHE A 238 23.09 -5.12 -3.09
CA PHE A 238 21.83 -4.82 -2.41
C PHE A 238 21.43 -5.85 -1.36
N PHE A 239 22.19 -6.94 -1.23
CA PHE A 239 21.95 -7.95 -0.22
C PHE A 239 23.23 -8.21 0.55
N TRP A 240 23.06 -8.55 1.82
CA TRP A 240 24.16 -8.70 2.75
C TRP A 240 24.04 -10.03 3.45
N SER A 241 25.12 -10.82 3.42
CA SER A 241 25.17 -12.08 4.15
C SER A 241 25.16 -11.75 5.64
N VAL A 242 24.37 -12.51 6.41
CA VAL A 242 24.19 -12.25 7.85
C VAL A 242 25.48 -12.38 8.68
N SER A 243 26.44 -13.17 8.21
CA SER A 243 27.75 -13.28 8.89
C SER A 243 28.61 -12.00 8.78
N ILE A 244 28.26 -11.07 7.89
CA ILE A 244 28.95 -9.79 7.76
C ILE A 244 28.37 -8.83 8.80
N PRO A 245 29.17 -8.38 9.80
CA PRO A 245 28.63 -7.44 10.80
C PRO A 245 28.31 -6.07 10.22
N HIS A 246 27.49 -5.30 10.94
CA HIS A 246 26.94 -4.01 10.45
C HIS A 246 28.04 -2.97 10.19
N GLU A 247 28.95 -2.85 11.16
CA GLU A 247 30.16 -2.04 10.99
C GLU A 247 31.05 -2.89 10.11
N ARG A 248 31.07 -2.62 8.81
CA ARG A 248 31.78 -3.45 7.79
C ARG A 248 30.97 -3.35 6.52
N ARG A 249 29.67 -3.59 6.67
CA ARG A 249 28.71 -3.22 5.64
C ARG A 249 28.82 -1.71 5.45
N ILE A 250 28.73 -0.94 6.54
CA ILE A 250 28.89 0.52 6.50
C ILE A 250 30.29 0.96 5.98
N LEU A 251 31.36 0.27 6.34
CA LEU A 251 32.70 0.58 5.81
C LEU A 251 32.87 0.16 4.34
N THR A 252 32.17 -0.88 3.91
CA THR A 252 32.19 -1.34 2.51
C THR A 252 31.48 -0.35 1.57
N ILE A 253 30.35 0.20 2.03
CA ILE A 253 29.65 1.23 1.28
C ILE A 253 30.57 2.48 1.11
N LEU A 254 31.17 2.92 2.22
CA LEU A 254 32.08 4.06 2.20
C LEU A 254 33.26 3.83 1.25
N GLN A 255 33.83 2.64 1.29
CA GLN A 255 34.87 2.21 0.34
C GLN A 255 34.41 2.15 -1.13
N TRP A 256 33.20 1.68 -1.37
CA TRP A 256 32.60 1.73 -2.73
C TRP A 256 32.42 3.16 -3.24
N LEU A 257 32.06 4.08 -2.33
CA LEU A 257 31.92 5.51 -2.65
C LEU A 257 33.22 6.20 -3.02
N SER A 258 34.35 5.69 -2.51
CA SER A 258 35.69 6.19 -2.83
C SER A 258 36.25 5.70 -4.17
N LEU A 259 35.58 4.77 -4.84
CA LEU A 259 36.04 4.23 -6.13
C LEU A 259 36.02 5.28 -7.24
N PRO A 260 36.71 5.00 -8.39
CA PRO A 260 36.71 5.94 -9.51
C PRO A 260 35.32 6.17 -10.10
N ASP A 261 35.16 7.29 -10.81
CA ASP A 261 33.87 7.66 -11.43
C ASP A 261 33.29 6.50 -12.25
N ASN A 262 34.12 5.86 -13.08
CA ASN A 262 33.65 4.80 -13.98
C ASN A 262 33.40 3.45 -13.31
N GLU A 263 33.82 3.28 -12.05
CA GLU A 263 33.51 2.06 -11.26
C GLU A 263 32.49 2.26 -10.11
N ARG A 264 32.28 3.51 -9.67
CA ARG A 264 31.51 3.80 -8.45
C ARG A 264 29.99 3.59 -8.67
N PRO A 265 29.32 2.85 -7.75
CA PRO A 265 27.85 2.82 -7.75
C PRO A 265 27.23 4.14 -7.30
N SER A 266 26.03 4.42 -7.82
CA SER A 266 25.25 5.60 -7.42
C SER A 266 24.08 5.28 -6.50
N VAL A 267 23.75 3.99 -6.31
CA VAL A 267 22.69 3.59 -5.36
C VAL A 267 23.18 2.45 -4.45
N TYR A 268 22.96 2.61 -3.15
CA TYR A 268 23.38 1.63 -2.14
C TYR A 268 22.24 1.26 -1.19
N ALA A 269 22.37 0.10 -0.54
CA ALA A 269 21.44 -0.35 0.47
C ALA A 269 22.15 -0.92 1.69
N PHE A 270 21.66 -0.52 2.86
CA PHE A 270 21.99 -1.14 4.13
C PHE A 270 20.69 -1.69 4.75
N TYR A 271 20.77 -2.87 5.34
CA TYR A 271 19.64 -3.47 6.08
C TYR A 271 20.03 -3.90 7.48
N SER A 272 19.21 -3.50 8.44
CA SER A 272 19.37 -3.90 9.84
C SER A 272 18.25 -4.87 10.23
N GLU A 273 18.64 -5.95 10.90
CA GLU A 273 17.73 -6.96 11.41
C GLU A 273 17.00 -6.46 12.66
N GLN A 274 17.50 -5.37 13.27
CA GLN A 274 16.88 -4.75 14.46
C GLN A 274 15.96 -3.58 14.07
N PRO A 275 15.04 -3.15 14.94
CA PRO A 275 14.73 -3.74 16.25
C PRO A 275 13.71 -4.91 16.24
N ASP A 276 13.55 -5.60 15.10
CA ASP A 276 12.57 -6.69 14.95
C ASP A 276 12.84 -7.88 15.87
N PHE A 277 14.09 -8.38 15.90
CA PHE A 277 14.45 -9.54 16.73
C PHE A 277 14.22 -9.29 18.22
N SER A 278 14.62 -8.11 18.67
CA SER A 278 14.37 -7.68 20.05
C SER A 278 12.88 -7.44 20.27
N GLY A 279 12.24 -6.78 19.30
CA GLY A 279 10.80 -6.56 19.29
C GLY A 279 9.97 -7.80 19.54
N HIS A 280 10.35 -8.92 18.93
CA HIS A 280 9.70 -10.23 19.17
C HIS A 280 9.88 -10.75 20.59
N LYS A 281 11.13 -10.69 21.08
CA LYS A 281 11.46 -11.22 22.39
C LYS A 281 10.70 -10.52 23.53
N TYR A 282 10.76 -9.19 23.53
CA TYR A 282 10.34 -8.39 24.68
C TYR A 282 9.10 -7.52 24.43
N GLY A 283 8.52 -7.61 23.25
CA GLY A 283 7.40 -6.73 22.86
C GLY A 283 7.90 -5.37 22.40
N PRO A 284 7.02 -4.58 21.76
CA PRO A 284 7.41 -3.26 21.24
C PRO A 284 7.59 -2.20 22.33
N PHE A 285 6.86 -2.32 23.44
CA PHE A 285 6.91 -1.34 24.54
C PHE A 285 7.80 -1.79 25.71
N GLY A 286 8.58 -2.87 25.54
CA GLY A 286 9.49 -3.32 26.57
C GLY A 286 10.63 -2.33 26.74
N PRO A 287 11.10 -2.11 27.99
CA PRO A 287 12.26 -1.22 28.18
C PRO A 287 13.54 -1.77 27.55
N GLU A 288 13.57 -3.06 27.23
CA GLU A 288 14.69 -3.69 26.52
C GLU A 288 14.95 -3.11 25.12
N MET A 289 13.92 -2.54 24.50
CA MET A 289 14.02 -1.94 23.15
C MET A 289 15.06 -0.84 23.00
N THR A 290 15.35 -0.15 24.11
CA THR A 290 16.30 0.98 24.14
C THR A 290 17.69 0.66 23.61
N ASN A 291 18.25 -0.50 23.95
CA ASN A 291 19.61 -0.84 23.50
C ASN A 291 19.69 -1.13 21.99
N PRO A 292 18.74 -1.90 21.43
CA PRO A 292 18.62 -2.05 19.97
C PRO A 292 18.45 -0.74 19.16
N LEU A 293 17.70 0.22 19.71
CA LEU A 293 17.52 1.52 19.05
C LEU A 293 18.78 2.38 19.15
N ARG A 294 19.45 2.34 20.30
CA ARG A 294 20.77 2.97 20.45
C ARG A 294 21.79 2.36 19.48
N GLU A 295 21.74 1.04 19.30
CA GLU A 295 22.64 0.34 18.39
C GLU A 295 22.45 0.80 16.95
N ILE A 296 21.19 0.81 16.50
CA ILE A 296 20.84 1.30 15.15
C ILE A 296 21.31 2.72 14.95
N ASP A 297 21.07 3.58 15.93
CA ASP A 297 21.52 4.96 15.84
C ASP A 297 23.05 5.11 15.69
N LYS A 298 23.82 4.36 16.47
CA LYS A 298 25.27 4.36 16.36
C LYS A 298 25.73 3.86 14.99
N THR A 299 25.03 2.88 14.44
CA THR A 299 25.27 2.46 13.06
C THR A 299 25.00 3.63 12.09
N VAL A 300 23.88 4.32 12.29
CA VAL A 300 23.56 5.49 11.47
C VAL A 300 24.67 6.56 11.57
N GLY A 301 25.21 6.78 12.78
CA GLY A 301 26.24 7.79 12.99
C GLY A 301 27.62 7.43 12.46
N GLN A 302 27.91 6.14 12.34
CA GLN A 302 29.06 5.65 11.59
C GLN A 302 28.92 5.93 10.10
N LEU A 303 27.71 5.78 9.55
CA LEU A 303 27.47 6.11 8.14
C LEU A 303 27.63 7.62 7.92
N MET A 304 27.04 8.42 8.80
CA MET A 304 27.08 9.88 8.64
C MET A 304 28.45 10.49 8.89
N ASP A 305 29.21 9.93 9.83
CA ASP A 305 30.60 10.34 10.08
C ASP A 305 31.53 9.90 8.96
N GLY A 306 31.29 8.71 8.40
CA GLY A 306 32.01 8.24 7.22
C GLY A 306 31.75 9.09 5.99
N LEU A 307 30.48 9.45 5.78
CA LEU A 307 30.10 10.34 4.68
C LEU A 307 30.77 11.71 4.82
N LYS A 308 30.69 12.28 6.01
CA LYS A 308 31.37 13.54 6.33
C LYS A 308 32.88 13.45 6.10
N GLN A 309 33.46 12.30 6.42
CA GLN A 309 34.88 12.02 6.18
C GLN A 309 35.21 12.08 4.69
N LEU A 310 34.35 11.47 3.85
CA LEU A 310 34.55 11.48 2.40
C LEU A 310 34.08 12.76 1.68
N ARG A 311 33.55 13.72 2.45
CA ARG A 311 32.97 14.96 1.94
C ARG A 311 31.76 14.67 1.04
N LEU A 312 30.92 13.75 1.51
CA LEU A 312 29.69 13.37 0.82
C LEU A 312 28.42 13.51 1.69
N HIS A 313 28.59 13.93 2.94
CA HIS A 313 27.46 14.22 3.86
C HIS A 313 26.45 15.29 3.43
N ARG A 314 26.79 16.05 2.39
CA ARG A 314 25.88 17.00 1.74
C ARG A 314 25.82 16.74 0.22
N CYS A 315 26.23 15.53 -0.19
CA CYS A 315 26.13 15.04 -1.57
C CYS A 315 25.10 13.94 -1.70
N VAL A 316 24.83 13.23 -0.60
CA VAL A 316 24.15 11.94 -0.65
C VAL A 316 22.71 12.11 -0.17
N ASN A 317 21.79 11.49 -0.91
CA ASN A 317 20.43 11.26 -0.45
C ASN A 317 20.36 10.01 0.42
N VAL A 318 19.99 10.21 1.68
CA VAL A 318 19.77 9.10 2.58
C VAL A 318 18.26 8.93 2.78
N ILE A 319 17.79 7.69 2.64
CA ILE A 319 16.43 7.29 2.98
C ILE A 319 16.46 6.35 4.18
N PHE A 320 15.91 6.79 5.30
CA PHE A 320 15.75 5.94 6.49
C PHE A 320 14.32 5.38 6.44
N VAL A 321 14.21 4.11 6.10
CA VAL A 321 12.88 3.49 5.88
C VAL A 321 12.71 2.19 6.66
N GLY A 322 11.51 1.96 7.16
CA GLY A 322 11.16 0.69 7.79
C GLY A 322 10.23 -0.14 6.93
N ASP A 323 10.19 -1.44 7.22
CA ASP A 323 9.35 -2.39 6.48
C ASP A 323 7.98 -2.63 7.13
N HIS A 324 7.90 -2.55 8.45
CA HIS A 324 6.64 -2.62 9.20
C HIS A 324 6.88 -2.36 10.70
N GLY A 325 5.79 -2.24 11.44
CA GLY A 325 5.84 -2.06 12.89
C GLY A 325 5.90 -3.38 13.66
N MET A 326 5.49 -3.31 14.93
CA MET A 326 5.51 -4.43 15.87
C MET A 326 4.40 -4.24 16.91
N GLU A 327 3.75 -5.35 17.29
CA GLU A 327 2.58 -5.35 18.19
C GLU A 327 2.82 -6.26 19.40
N ASP A 328 2.12 -5.98 20.51
CA ASP A 328 2.06 -6.90 21.66
C ASP A 328 1.33 -8.18 21.25
N VAL A 329 2.05 -9.31 21.22
CA VAL A 329 1.48 -10.62 20.89
C VAL A 329 2.12 -11.71 21.75
N THR A 330 1.31 -12.35 22.60
CA THR A 330 1.76 -13.42 23.49
C THR A 330 1.10 -14.74 23.10
N CYS A 331 1.73 -15.85 23.46
CA CYS A 331 1.23 -17.18 23.08
C CYS A 331 -0.07 -17.57 23.78
N ASP A 332 -0.40 -16.92 24.90
CA ASP A 332 -1.71 -17.09 25.54
C ASP A 332 -2.89 -16.40 24.82
N ARG A 333 -2.61 -15.62 23.76
CA ARG A 333 -3.62 -15.07 22.87
C ARG A 333 -3.50 -15.75 21.51
N THR A 334 -3.85 -17.03 21.50
CA THR A 334 -3.90 -17.85 20.30
C THR A 334 -5.30 -18.42 20.11
N GLU A 335 -5.75 -18.46 18.86
CA GLU A 335 -6.96 -19.19 18.49
C GLU A 335 -6.52 -20.49 17.83
N PHE A 336 -7.16 -21.58 18.20
CA PHE A 336 -6.91 -22.87 17.58
C PHE A 336 -8.10 -23.27 16.71
N LEU A 337 -7.77 -23.62 15.47
CA LEU A 337 -8.74 -24.06 14.47
C LEU A 337 -9.41 -25.37 14.84
N SER A 338 -8.73 -26.19 15.66
CA SER A 338 -9.29 -27.43 16.18
C SER A 338 -10.45 -27.27 17.17
N ASN A 339 -10.76 -26.05 17.60
CA ASN A 339 -12.02 -25.75 18.30
C ASN A 339 -13.20 -25.47 17.36
N TYR A 340 -12.94 -25.33 16.05
CA TYR A 340 -13.94 -25.00 15.05
C TYR A 340 -14.13 -26.10 14.00
N LEU A 341 -13.04 -26.72 13.56
CA LEU A 341 -13.05 -27.75 12.53
C LEU A 341 -12.85 -29.12 13.16
N THR A 342 -13.30 -30.17 12.49
CA THR A 342 -13.19 -31.55 13.01
C THR A 342 -11.97 -32.29 12.44
N ASN A 343 -11.76 -32.20 11.13
CA ASN A 343 -10.64 -32.87 10.45
C ASN A 343 -9.50 -31.91 10.17
N VAL A 344 -8.90 -31.39 11.24
CA VAL A 344 -7.79 -30.42 11.13
C VAL A 344 -6.51 -31.01 10.51
N ASP A 345 -6.35 -32.33 10.57
CA ASP A 345 -5.26 -33.03 9.88
C ASP A 345 -5.46 -33.18 8.36
N ASP A 346 -6.60 -32.73 7.82
CA ASP A 346 -6.81 -32.70 6.38
C ASP A 346 -6.35 -31.39 5.74
N ILE A 347 -5.95 -30.40 6.55
CA ILE A 347 -5.53 -29.08 6.05
C ILE A 347 -4.11 -28.67 6.44
N THR A 348 -3.56 -27.78 5.63
CA THR A 348 -2.32 -27.08 5.97
C THR A 348 -2.71 -25.61 6.20
N LEU A 349 -2.28 -25.08 7.34
CA LEU A 349 -2.44 -23.68 7.70
C LEU A 349 -1.08 -22.98 7.71
N VAL A 350 -1.02 -21.76 7.18
CA VAL A 350 0.11 -20.85 7.43
C VAL A 350 -0.29 -20.02 8.67
N PRO A 351 0.33 -20.30 9.83
CA PRO A 351 -0.12 -19.71 11.11
C PRO A 351 0.38 -18.30 11.39
N GLY A 352 0.01 -17.80 12.57
CA GLY A 352 0.49 -16.54 13.11
C GLY A 352 -0.49 -15.38 13.03
N THR A 353 0.03 -14.22 12.63
CA THR A 353 -0.72 -12.97 12.53
C THR A 353 -1.64 -12.88 11.31
N LEU A 354 -1.56 -13.87 10.42
CA LEU A 354 -2.55 -14.12 9.39
C LEU A 354 -2.77 -15.62 9.28
N GLY A 355 -3.86 -16.00 8.61
CA GLY A 355 -4.09 -17.39 8.25
C GLY A 355 -4.23 -17.52 6.75
N ARG A 356 -3.66 -18.59 6.21
CA ARG A 356 -3.92 -19.02 4.85
C ARG A 356 -4.16 -20.53 4.90
N ILE A 357 -5.32 -20.99 4.40
CA ILE A 357 -5.74 -22.40 4.54
C ILE A 357 -5.84 -23.08 3.17
N ARG A 358 -5.31 -24.30 3.11
CA ARG A 358 -5.25 -25.13 1.91
C ARG A 358 -5.49 -26.58 2.35
N ALA A 359 -5.80 -27.48 1.42
CA ALA A 359 -5.75 -28.93 1.69
C ALA A 359 -4.34 -29.38 2.04
N LYS A 360 -4.21 -30.42 2.87
CA LYS A 360 -2.91 -31.00 3.20
C LYS A 360 -2.39 -31.82 2.02
N SER A 361 -3.20 -32.79 1.59
CA SER A 361 -2.93 -33.59 0.41
C SER A 361 -3.92 -33.15 -0.66
N ILE A 362 -3.42 -32.70 -1.81
CA ILE A 362 -4.31 -32.32 -2.94
C ILE A 362 -5.24 -33.47 -3.37
N ASN A 363 -4.76 -34.71 -3.22
CA ASN A 363 -5.60 -35.90 -3.38
C ASN A 363 -6.44 -36.17 -2.12
N ASN A 364 -7.47 -35.34 -1.94
CA ASN A 364 -8.43 -35.47 -0.83
C ASN A 364 -9.83 -35.85 -1.31
N SER A 365 -10.28 -35.26 -2.43
CA SER A 365 -11.60 -35.55 -3.07
C SER A 365 -12.78 -34.84 -2.40
N LYS A 366 -12.95 -35.06 -1.09
CA LYS A 366 -13.99 -34.40 -0.28
C LYS A 366 -13.47 -33.25 0.61
N TYR A 367 -12.45 -32.52 0.13
CA TYR A 367 -11.98 -31.27 0.76
C TYR A 367 -12.82 -30.10 0.23
N ASP A 368 -13.69 -29.57 1.07
CA ASP A 368 -14.65 -28.53 0.69
C ASP A 368 -14.32 -27.18 1.38
N PRO A 369 -13.84 -26.18 0.61
CA PRO A 369 -13.67 -24.81 1.10
C PRO A 369 -14.91 -24.18 1.74
N LYS A 370 -16.07 -24.39 1.12
CA LYS A 370 -17.36 -23.85 1.60
C LYS A 370 -17.68 -24.29 3.03
N THR A 371 -17.45 -25.57 3.31
CA THR A 371 -17.69 -26.11 4.64
C THR A 371 -16.72 -25.48 5.65
N ILE A 372 -15.46 -25.33 5.25
CA ILE A 372 -14.46 -24.76 6.14
C ILE A 372 -14.85 -23.32 6.51
N ILE A 373 -15.27 -22.53 5.53
CA ILE A 373 -15.66 -21.16 5.78
C ILE A 373 -16.82 -21.09 6.79
N ALA A 374 -17.91 -21.78 6.48
CA ALA A 374 -19.07 -21.88 7.37
C ALA A 374 -18.66 -22.17 8.84
N ALA A 375 -17.86 -23.23 9.01
CA ALA A 375 -17.35 -23.66 10.33
C ALA A 375 -16.50 -22.65 11.09
N LEU A 376 -15.86 -21.72 10.37
CA LEU A 376 -14.99 -20.71 10.97
C LEU A 376 -15.64 -19.35 11.19
N THR A 377 -16.94 -19.24 10.87
CA THR A 377 -17.65 -17.97 10.79
C THR A 377 -18.56 -17.73 12.02
N CYS A 378 -18.19 -16.75 12.85
CA CYS A 378 -19.05 -16.18 13.92
C CYS A 378 -19.57 -17.21 14.94
N LYS A 379 -18.64 -18.00 15.50
CA LYS A 379 -18.95 -19.13 16.37
C LYS A 379 -18.86 -18.78 17.86
N LYS A 380 -17.72 -18.20 18.24
CA LYS A 380 -17.51 -17.71 19.60
C LYS A 380 -17.93 -16.24 19.67
N PRO A 381 -18.37 -15.76 20.85
CA PRO A 381 -18.61 -14.31 20.99
C PRO A 381 -17.32 -13.46 20.95
N ASP A 382 -16.24 -13.95 21.56
CA ASP A 382 -14.98 -13.21 21.59
C ASP A 382 -14.05 -13.48 20.39
N GLN A 383 -14.58 -13.99 19.27
CA GLN A 383 -13.73 -14.58 18.20
C GLN A 383 -12.72 -13.58 17.63
N HIS A 384 -11.45 -14.00 17.58
CA HIS A 384 -10.34 -13.10 17.26
C HIS A 384 -9.72 -13.30 15.88
N PHE A 385 -10.49 -13.88 14.97
CA PHE A 385 -10.13 -13.94 13.56
C PHE A 385 -11.40 -14.05 12.74
N LYS A 386 -11.31 -13.72 11.45
CA LYS A 386 -12.44 -13.84 10.55
C LYS A 386 -12.01 -14.55 9.26
N PRO A 387 -12.78 -15.56 8.80
CA PRO A 387 -12.47 -16.21 7.53
C PRO A 387 -12.97 -15.39 6.34
N TYR A 388 -12.26 -15.47 5.22
CA TYR A 388 -12.66 -14.89 3.93
C TYR A 388 -12.17 -15.79 2.81
N MET A 389 -12.96 -15.89 1.76
CA MET A 389 -12.45 -16.35 0.47
C MET A 389 -11.70 -15.13 -0.04
N LYS A 390 -10.56 -15.33 -0.71
CA LYS A 390 -9.62 -14.23 -0.93
C LYS A 390 -10.21 -13.06 -1.70
N GLN A 391 -10.94 -13.35 -2.77
CA GLN A 391 -11.70 -12.33 -3.51
C GLN A 391 -12.64 -11.41 -2.68
N HIS A 392 -12.96 -11.77 -1.44
CA HIS A 392 -13.80 -10.94 -0.57
C HIS A 392 -13.05 -10.17 0.51
N LEU A 393 -11.72 -10.34 0.56
CA LEU A 393 -10.88 -9.47 1.37
C LEU A 393 -11.09 -8.01 0.94
N PRO A 394 -11.02 -7.07 1.89
CA PRO A 394 -11.06 -5.66 1.50
C PRO A 394 -10.09 -5.37 0.38
N LYS A 395 -10.57 -4.63 -0.61
CA LYS A 395 -9.84 -4.43 -1.86
C LYS A 395 -8.57 -3.65 -1.65
N ARG A 396 -8.59 -2.78 -0.63
CA ARG A 396 -7.43 -2.00 -0.19
C ARG A 396 -6.18 -2.82 0.16
N LEU A 397 -6.37 -4.08 0.56
CA LEU A 397 -5.27 -4.99 0.81
C LEU A 397 -4.64 -5.50 -0.50
N HIS A 398 -5.32 -5.37 -1.64
CA HIS A 398 -4.86 -5.88 -2.93
C HIS A 398 -4.11 -7.20 -2.80
N TYR A 399 -4.74 -8.14 -2.10
CA TYR A 399 -4.12 -9.38 -1.73
C TYR A 399 -4.98 -10.55 -2.20
N ALA A 400 -4.95 -10.83 -3.50
CA ALA A 400 -5.76 -11.94 -4.06
C ALA A 400 -5.32 -12.50 -5.41
N ASN A 401 -4.80 -11.66 -6.31
CA ASN A 401 -4.39 -12.06 -7.67
C ASN A 401 -3.00 -12.70 -7.71
N ASN A 402 -2.85 -13.83 -7.02
CA ASN A 402 -1.65 -14.63 -7.14
C ASN A 402 -2.01 -16.05 -6.82
N ARG A 403 -1.49 -16.99 -7.61
CA ARG A 403 -1.69 -18.42 -7.36
C ARG A 403 -1.05 -18.95 -6.07
N ARG A 404 -0.21 -18.14 -5.43
CA ARG A 404 0.39 -18.42 -4.13
C ARG A 404 -0.47 -17.90 -2.97
N ILE A 405 -1.57 -17.20 -3.24
CA ILE A 405 -2.45 -16.74 -2.16
C ILE A 405 -3.59 -17.71 -2.05
N GLU A 406 -3.64 -18.44 -0.93
CA GLU A 406 -4.61 -19.50 -0.75
C GLU A 406 -6.00 -18.87 -0.69
N ASP A 407 -6.96 -19.56 -1.31
CA ASP A 407 -8.34 -19.09 -1.42
C ASP A 407 -8.95 -18.75 -0.07
N ILE A 408 -8.74 -19.61 0.92
CA ILE A 408 -9.24 -19.34 2.27
C ILE A 408 -8.19 -18.49 2.96
N HIS A 409 -8.63 -17.37 3.51
CA HIS A 409 -7.77 -16.46 4.26
C HIS A 409 -8.39 -16.15 5.60
N LEU A 410 -7.55 -15.94 6.62
CA LEU A 410 -8.00 -15.55 7.94
C LEU A 410 -7.38 -14.20 8.26
N LEU A 411 -8.23 -13.20 8.45
CA LEU A 411 -7.76 -11.91 8.95
C LEU A 411 -7.81 -12.01 10.45
N VAL A 412 -6.64 -11.89 11.08
CA VAL A 412 -6.49 -12.07 12.52
C VAL A 412 -6.48 -10.73 13.20
N ASP A 413 -7.17 -10.64 14.32
CA ASP A 413 -7.19 -9.42 15.11
C ASP A 413 -5.82 -9.08 15.64
N ARG A 414 -5.57 -7.78 15.76
CA ARG A 414 -4.36 -7.30 16.39
C ARG A 414 -4.21 -7.97 17.77
N ARG A 415 -2.96 -8.24 18.15
CA ARG A 415 -2.59 -8.87 19.42
C ARG A 415 -2.89 -10.37 19.50
N TRP A 416 -3.22 -11.03 18.40
CA TRP A 416 -3.61 -12.44 18.42
C TRP A 416 -2.88 -13.28 17.37
N HIS A 417 -2.80 -14.57 17.66
CA HIS A 417 -2.25 -15.57 16.77
C HIS A 417 -3.35 -16.54 16.36
N VAL A 418 -3.10 -17.27 15.28
CA VAL A 418 -3.96 -18.38 14.88
C VAL A 418 -3.10 -19.58 14.54
N ALA A 419 -3.46 -20.71 15.14
CA ALA A 419 -2.78 -21.97 14.91
C ALA A 419 -3.80 -23.07 14.62
N ARG A 420 -3.27 -24.15 14.05
CA ARG A 420 -4.04 -25.26 13.52
C ARG A 420 -4.58 -26.11 14.67
N LYS A 421 -3.70 -26.50 15.60
CA LYS A 421 -4.11 -27.17 16.84
C LYS A 421 -3.14 -26.94 18.01
N PRO A 422 -3.61 -27.12 19.27
CA PRO A 422 -2.83 -26.71 20.44
C PRO A 422 -1.43 -27.29 20.63
N LEU A 423 -1.10 -28.42 19.99
CA LEU A 423 0.26 -28.96 19.99
C LEU A 423 1.07 -28.53 18.75
N ASP A 424 0.96 -27.25 18.38
CA ASP A 424 1.83 -26.64 17.37
C ASP A 424 2.48 -25.40 17.96
N PHE A 435 8.53 -15.37 23.13
CA PHE A 435 8.12 -14.25 22.26
C PHE A 435 6.91 -13.48 22.83
N GLN A 436 7.07 -12.15 22.93
CA GLN A 436 6.00 -11.26 23.41
C GLN A 436 5.59 -10.23 22.37
N GLY A 437 6.15 -10.34 21.15
CA GLY A 437 5.87 -9.38 20.07
C GLY A 437 5.78 -10.02 18.69
N ASP A 438 4.86 -9.51 17.86
CA ASP A 438 4.72 -9.98 16.48
C ASP A 438 4.10 -8.92 15.51
N HIS A 439 4.04 -9.29 14.23
CA HIS A 439 3.51 -8.44 13.19
C HIS A 439 3.05 -9.31 12.01
N GLY A 440 2.38 -8.69 11.04
CA GLY A 440 1.76 -9.39 9.92
C GLY A 440 0.31 -8.98 9.68
N PHE A 441 -0.29 -8.27 10.63
CA PHE A 441 -1.70 -7.89 10.57
C PHE A 441 -1.95 -6.87 9.46
N ASP A 442 -3.24 -6.70 9.17
CA ASP A 442 -3.78 -5.65 8.33
C ASP A 442 -2.95 -4.36 8.40
N ASN A 443 -2.56 -3.89 7.23
CA ASN A 443 -1.67 -2.72 7.10
C ASN A 443 -2.24 -1.38 7.58
N LYS A 444 -3.52 -1.32 7.94
CA LYS A 444 -4.06 -0.10 8.53
C LYS A 444 -3.86 -0.05 10.05
N VAL A 445 -3.56 -1.20 10.67
CA VAL A 445 -3.41 -1.26 12.13
C VAL A 445 -2.27 -0.35 12.60
N ASN A 446 -2.50 0.46 13.63
CA ASN A 446 -1.56 1.52 14.05
C ASN A 446 -0.21 0.99 14.53
N SER A 447 -0.22 -0.18 15.17
CA SER A 447 1.00 -0.84 15.60
C SER A 447 1.85 -1.41 14.45
N MET A 448 1.26 -1.54 13.25
CA MET A 448 2.00 -1.98 12.05
C MET A 448 2.61 -0.83 11.24
N GLN A 449 2.29 0.42 11.56
CA GLN A 449 2.86 1.56 10.82
C GLN A 449 4.36 1.67 11.09
N THR A 450 5.11 2.13 10.08
CA THR A 450 6.58 2.19 10.19
C THR A 450 7.06 3.56 9.74
N VAL A 451 8.36 3.70 9.46
CA VAL A 451 8.96 5.03 9.29
C VAL A 451 9.40 5.36 7.87
N PHE A 452 9.44 6.66 7.60
CA PHE A 452 10.17 7.21 6.48
C PHE A 452 10.79 8.54 6.87
N VAL A 453 12.10 8.64 6.65
CA VAL A 453 12.82 9.91 6.58
C VAL A 453 13.55 9.92 5.25
N GLY A 454 13.51 11.08 4.57
CA GLY A 454 14.41 11.40 3.46
C GLY A 454 15.30 12.57 3.86
N TYR A 455 16.61 12.43 3.63
CA TYR A 455 17.58 13.49 3.97
C TYR A 455 18.62 13.58 2.87
N GLY A 456 19.01 14.82 2.53
CA GLY A 456 19.99 15.08 1.48
C GLY A 456 19.53 16.22 0.59
N PRO A 457 20.33 16.58 -0.43
CA PRO A 457 20.06 17.72 -1.33
C PRO A 457 18.64 17.77 -1.95
N THR A 458 18.29 16.73 -2.69
CA THR A 458 17.01 16.60 -3.37
C THR A 458 15.76 16.59 -2.46
N PHE A 459 15.90 16.10 -1.24
CA PHE A 459 14.80 16.18 -0.28
C PHE A 459 14.66 17.58 0.26
N LYS A 460 13.46 17.90 0.76
CA LYS A 460 13.21 19.18 1.42
C LYS A 460 13.81 19.24 2.82
N TYR A 461 13.77 20.43 3.39
CA TYR A 461 14.47 20.80 4.61
C TYR A 461 13.45 21.07 5.70
N ARG A 462 13.62 20.45 6.86
CA ARG A 462 12.69 20.59 7.98
C ARG A 462 11.24 20.59 7.52
N THR A 463 10.87 19.53 6.79
CA THR A 463 9.55 19.42 6.20
C THR A 463 8.82 18.17 6.69
N LYS A 464 7.67 18.40 7.30
CA LYS A 464 6.72 17.34 7.62
C LYS A 464 5.85 17.10 6.39
N VAL A 465 5.62 15.83 6.06
CA VAL A 465 4.67 15.48 4.98
C VAL A 465 3.64 14.48 5.50
N PRO A 466 2.42 14.47 4.91
CA PRO A 466 1.42 13.51 5.39
C PRO A 466 1.82 12.04 5.15
N PRO A 467 1.22 11.09 5.90
CA PRO A 467 1.54 9.69 5.71
C PRO A 467 1.30 9.21 4.29
N PHE A 468 2.00 8.16 3.88
CA PHE A 468 1.86 7.60 2.54
C PHE A 468 2.23 6.11 2.54
N GLU A 469 2.01 5.47 1.40
CA GLU A 469 2.19 4.02 1.30
C GLU A 469 3.53 3.66 0.68
N ASN A 470 4.17 2.63 1.22
CA ASN A 470 5.53 2.25 0.80
C ASN A 470 5.63 1.85 -0.68
N ILE A 471 4.51 1.44 -1.27
CA ILE A 471 4.39 1.24 -2.73
C ILE A 471 4.73 2.47 -3.58
N GLU A 472 4.64 3.67 -3.00
CA GLU A 472 4.97 4.92 -3.71
C GLU A 472 6.48 5.18 -3.86
N LEU A 473 7.30 4.62 -2.95
CA LEU A 473 8.72 5.03 -2.86
C LEU A 473 9.58 4.66 -4.06
N TYR A 474 9.34 3.50 -4.68
CA TYR A 474 10.07 3.05 -5.87
C TYR A 474 10.20 4.15 -6.92
N ASN A 475 9.08 4.84 -7.18
CA ASN A 475 9.03 6.01 -8.06
C ASN A 475 9.94 7.15 -7.60
N VAL A 476 9.90 7.48 -6.31
CA VAL A 476 10.74 8.54 -5.72
C VAL A 476 12.23 8.22 -5.87
N MET A 477 12.58 6.97 -5.60
CA MET A 477 13.94 6.50 -5.72
C MET A 477 14.42 6.50 -7.17
N CYS A 478 13.51 6.28 -8.12
CA CYS A 478 13.84 6.43 -9.53
C CYS A 478 14.04 7.89 -9.90
N ASP A 479 13.20 8.77 -9.34
CA ASP A 479 13.35 10.22 -9.56
C ASP A 479 14.68 10.72 -9.02
N LEU A 480 15.02 10.29 -7.81
CA LEU A 480 16.30 10.63 -7.18
C LEU A 480 17.53 10.16 -7.97
N LEU A 481 17.38 9.13 -8.79
CA LEU A 481 18.46 8.58 -9.60
C LEU A 481 18.33 8.90 -11.09
N GLY A 482 17.40 9.78 -11.44
CA GLY A 482 17.11 10.13 -12.84
C GLY A 482 16.68 8.96 -13.71
N LEU A 483 16.01 7.97 -13.11
CA LEU A 483 15.61 6.73 -13.80
C LEU A 483 14.15 6.73 -14.19
N LYS A 484 13.83 6.07 -15.31
CA LYS A 484 12.44 5.88 -15.72
C LYS A 484 11.85 4.67 -14.99
N PRO A 485 10.90 4.89 -14.08
CA PRO A 485 10.34 3.75 -13.33
C PRO A 485 9.67 2.72 -14.25
N ALA A 486 9.78 1.45 -13.88
CA ALA A 486 9.08 0.38 -14.55
C ALA A 486 7.60 0.40 -14.09
N PRO A 487 6.68 -0.16 -14.89
CA PRO A 487 5.25 -0.07 -14.50
C PRO A 487 5.04 -0.62 -13.09
N ASN A 488 4.38 0.17 -12.23
CA ASN A 488 4.22 -0.17 -10.81
C ASN A 488 2.92 0.42 -10.20
N ASN A 489 2.68 0.20 -8.92
CA ASN A 489 1.43 0.59 -8.27
C ASN A 489 1.50 1.90 -7.53
N GLY A 490 2.67 2.52 -7.48
CA GLY A 490 2.74 3.92 -7.05
C GLY A 490 1.98 4.83 -8.03
N THR A 491 1.60 6.00 -7.56
CA THR A 491 1.03 7.01 -8.43
C THR A 491 2.10 8.08 -8.62
N HIS A 492 2.72 8.05 -9.80
CA HIS A 492 3.91 8.86 -10.10
C HIS A 492 3.56 10.35 -10.11
N GLY A 493 4.26 11.14 -9.30
CA GLY A 493 3.87 12.52 -9.00
C GLY A 493 3.17 12.72 -7.66
N SER A 494 2.63 11.64 -7.09
CA SER A 494 1.87 11.74 -5.84
C SER A 494 2.73 12.11 -4.63
N LEU A 495 4.06 11.94 -4.70
CA LEU A 495 4.97 12.42 -3.66
C LEU A 495 5.98 13.46 -4.15
N ASN A 496 5.66 14.22 -5.18
CA ASN A 496 6.48 15.37 -5.58
C ASN A 496 6.73 16.37 -4.45
N HIS A 497 5.71 16.61 -3.63
CA HIS A 497 5.86 17.45 -2.42
C HIS A 497 6.91 17.01 -1.36
N LEU A 498 7.49 15.81 -1.49
CA LEU A 498 8.68 15.40 -0.71
C LEU A 498 10.02 16.00 -1.21
N LEU A 499 10.04 16.43 -2.47
CA LEU A 499 11.25 16.76 -3.20
C LEU A 499 11.44 18.25 -3.40
N ARG A 500 12.68 18.69 -3.20
CA ARG A 500 13.12 20.04 -3.59
C ARG A 500 13.06 20.20 -5.11
N THR A 501 13.55 19.18 -5.83
CA THR A 501 13.59 19.19 -7.29
C THR A 501 12.95 17.92 -7.82
N ASN A 502 11.93 18.11 -8.65
CA ASN A 502 11.20 17.03 -9.30
C ASN A 502 11.75 16.85 -10.70
N THR A 503 12.14 15.62 -11.02
CA THR A 503 12.41 15.24 -12.41
C THR A 503 11.13 14.77 -13.13
N PHE A 504 10.00 14.71 -12.42
CA PHE A 504 8.73 14.24 -12.99
C PHE A 504 7.54 15.15 -12.70
N ARG A 505 6.93 15.65 -13.76
CA ARG A 505 5.68 16.41 -13.66
C ARG A 505 4.55 15.53 -14.18
N PRO A 506 3.53 15.26 -13.35
CA PRO A 506 2.50 14.34 -13.78
C PRO A 506 1.62 14.98 -14.84
N THR A 507 1.19 14.17 -15.80
CA THR A 507 0.29 14.59 -16.87
C THR A 507 -1.04 13.85 -16.77
N MET A 508 -2.13 14.62 -16.65
CA MET A 508 -3.51 14.13 -16.56
C MET A 508 -3.80 13.31 -17.84
N PRO A 509 -4.36 12.10 -17.72
CA PRO A 509 -4.49 11.24 -18.91
C PRO A 509 -5.58 11.69 -19.87
N ASP A 510 -5.50 11.29 -21.14
CA ASP A 510 -6.47 11.73 -22.14
C ASP A 510 -7.78 10.92 -22.03
N GLU A 511 -8.93 11.58 -22.13
CA GLU A 511 -10.22 10.87 -22.18
C GLU A 511 -10.35 10.13 -23.50
N VAL A 512 -10.87 8.91 -23.45
CA VAL A 512 -10.91 8.01 -24.61
C VAL A 512 -12.28 8.08 -25.27
N SER A 513 -13.32 7.89 -24.47
CA SER A 513 -14.71 7.92 -24.91
C SER A 513 -15.36 9.22 -24.47
N ARG A 514 -15.81 9.98 -25.46
CA ARG A 514 -16.52 11.23 -25.23
C ARG A 514 -17.98 10.88 -24.95
N PRO A 515 -18.65 11.65 -24.07
CA PRO A 515 -20.04 11.30 -23.72
C PRO A 515 -21.08 11.76 -24.74
N ASN A 516 -22.16 10.99 -24.85
CA ASN A 516 -23.39 11.45 -25.50
C ASN A 516 -24.26 12.20 -24.51
N TYR A 517 -25.05 13.13 -25.02
CA TYR A 517 -26.04 13.89 -24.25
C TYR A 517 -27.39 13.72 -24.96
N PRO A 518 -27.96 12.50 -24.92
CA PRO A 518 -29.12 12.23 -25.75
C PRO A 518 -30.37 12.91 -25.19
N GLY A 519 -31.18 13.47 -26.08
CA GLY A 519 -32.41 14.16 -25.69
C GLY A 519 -33.53 13.18 -25.43
N ILE A 520 -34.74 13.72 -25.32
CA ILE A 520 -35.96 12.91 -25.29
C ILE A 520 -36.13 12.33 -26.69
N MET A 521 -36.06 11.00 -26.79
CA MET A 521 -36.03 10.29 -28.08
C MET A 521 -36.99 9.10 -28.18
N TYR A 522 -37.76 8.80 -27.12
CA TYR A 522 -38.68 7.66 -27.13
C TYR A 522 -39.93 8.01 -26.33
N LEU A 523 -41.07 7.43 -26.72
CA LEU A 523 -42.32 7.62 -25.96
C LEU A 523 -42.42 6.66 -24.79
N GLN A 524 -43.24 7.01 -23.81
CA GLN A 524 -43.44 6.21 -22.59
C GLN A 524 -44.17 4.89 -22.90
N SER A 525 -44.99 4.86 -23.96
CA SER A 525 -45.66 3.64 -24.44
C SER A 525 -44.72 2.72 -25.23
N GLU A 526 -43.62 3.25 -25.75
CA GLU A 526 -42.55 2.44 -26.39
C GLU A 526 -41.82 1.50 -25.42
N PHE A 527 -41.98 1.73 -24.12
CA PHE A 527 -41.41 0.84 -23.09
C PHE A 527 -42.44 -0.14 -22.58
N ASP A 528 -42.13 -1.43 -22.73
CA ASP A 528 -42.61 -2.43 -21.79
C ASP A 528 -41.42 -3.16 -21.27
N LEU A 529 -41.03 -2.78 -20.06
CA LEU A 529 -39.96 -3.40 -19.32
C LEU A 529 -40.55 -4.17 -18.14
N GLY A 530 -41.87 -4.30 -18.09
CA GLY A 530 -42.54 -4.93 -16.96
C GLY A 530 -42.48 -4.13 -15.67
N CYS A 531 -42.34 -2.81 -15.79
CA CYS A 531 -42.23 -1.94 -14.62
C CYS A 531 -43.55 -1.24 -14.33
N THR A 532 -43.87 -1.14 -13.04
CA THR A 532 -45.09 -0.52 -12.56
C THR A 532 -44.70 0.55 -11.53
N CYS A 533 -45.53 1.58 -11.39
CA CYS A 533 -45.22 2.66 -10.43
C CYS A 533 -46.46 3.28 -9.75
N ASP A 534 -47.26 4.02 -10.51
CA ASP A 534 -48.25 4.93 -9.95
C ASP A 534 -47.60 6.02 -9.10
N GLY A 554 -29.81 23.78 -16.64
CA GLY A 554 -29.84 24.05 -15.20
C GLY A 554 -28.49 23.86 -14.52
N SER A 555 -28.30 24.55 -13.39
CA SER A 555 -27.04 24.55 -12.64
C SER A 555 -26.80 23.21 -11.95
N THR A 556 -26.73 22.17 -12.77
CA THR A 556 -26.76 20.77 -12.34
C THR A 556 -25.33 20.28 -12.34
N LYS A 557 -24.69 20.41 -13.51
CA LYS A 557 -23.26 20.27 -13.69
C LYS A 557 -22.51 21.02 -12.58
N GLU A 558 -22.90 22.28 -12.35
CA GLU A 558 -22.13 23.14 -11.45
C GLU A 558 -22.40 22.96 -9.94
N ARG A 559 -23.51 22.32 -9.54
CA ARG A 559 -23.67 21.95 -8.11
C ARG A 559 -23.69 20.45 -7.79
N HIS A 560 -23.72 19.58 -8.80
CA HIS A 560 -23.61 18.12 -8.57
C HIS A 560 -22.30 17.48 -9.09
N LEU A 561 -21.57 18.17 -9.96
CA LEU A 561 -20.18 17.81 -10.26
C LEU A 561 -19.31 18.99 -9.87
N LEU A 562 -19.00 19.05 -8.58
CA LEU A 562 -18.17 20.11 -8.03
C LEU A 562 -16.76 20.11 -8.59
N TYR A 563 -16.24 18.93 -8.97
CA TYR A 563 -14.82 18.74 -9.35
C TYR A 563 -14.67 18.21 -10.79
N GLY A 564 -15.58 18.62 -11.66
CA GLY A 564 -15.58 18.19 -13.06
C GLY A 564 -16.15 16.80 -13.30
N ARG A 565 -16.40 16.54 -14.57
CA ARG A 565 -16.92 15.27 -15.04
C ARG A 565 -15.81 14.22 -15.06
N PRO A 566 -16.06 13.01 -14.50
CA PRO A 566 -15.06 11.96 -14.61
C PRO A 566 -14.81 11.52 -16.05
N ALA A 567 -13.54 11.36 -16.40
CA ALA A 567 -13.15 10.96 -17.75
C ALA A 567 -13.12 9.46 -17.84
N VAL A 568 -13.63 8.93 -18.96
CA VAL A 568 -13.65 7.50 -19.20
C VAL A 568 -12.41 7.15 -20.02
N LEU A 569 -11.51 6.37 -19.42
CA LEU A 569 -10.23 6.02 -20.03
C LEU A 569 -10.22 4.70 -20.79
N TYR A 570 -11.39 4.21 -21.20
CA TYR A 570 -11.49 3.07 -22.11
C TYR A 570 -12.48 3.37 -23.22
N ARG A 571 -12.46 2.53 -24.25
CA ARG A 571 -13.36 2.68 -25.39
C ARG A 571 -14.73 2.10 -25.01
N THR A 572 -15.75 2.94 -24.95
CA THR A 572 -17.13 2.52 -24.66
C THR A 572 -18.13 3.61 -25.08
N SER A 573 -19.42 3.27 -25.14
CA SER A 573 -20.47 4.27 -25.40
C SER A 573 -21.31 4.46 -24.13
N TYR A 574 -21.54 5.72 -23.74
CA TYR A 574 -22.26 6.05 -22.51
C TYR A 574 -22.89 7.43 -22.62
N ASP A 575 -23.97 7.63 -21.87
CA ASP A 575 -24.81 8.85 -21.92
C ASP A 575 -24.68 9.64 -20.63
N ILE A 576 -24.54 10.96 -20.75
CA ILE A 576 -24.67 11.86 -19.59
C ILE A 576 -26.15 12.13 -19.42
N LEU A 577 -26.61 12.16 -18.17
CA LEU A 577 -28.02 12.37 -17.84
C LEU A 577 -28.11 13.39 -16.73
N TYR A 578 -28.73 14.54 -17.02
CA TYR A 578 -28.96 15.60 -16.04
C TYR A 578 -30.27 15.35 -15.31
N HIS A 579 -30.25 15.56 -13.99
CA HIS A 579 -31.47 15.65 -13.17
C HIS A 579 -31.26 16.77 -12.17
N THR A 580 -32.34 17.27 -11.60
CA THR A 580 -32.30 18.30 -10.58
C THR A 580 -31.37 17.92 -9.41
N ASP A 581 -31.52 16.70 -8.90
CA ASP A 581 -30.79 16.26 -7.69
C ASP A 581 -29.44 15.56 -7.91
N PHE A 582 -29.19 15.07 -9.13
CA PHE A 582 -28.00 14.26 -9.42
C PHE A 582 -27.71 14.19 -10.92
N GLU A 583 -26.46 13.89 -11.26
CA GLU A 583 -26.02 13.69 -12.64
C GLU A 583 -25.31 12.36 -12.76
N SER A 584 -25.48 11.66 -13.87
CA SER A 584 -24.92 10.31 -14.05
C SER A 584 -24.34 10.08 -15.44
N GLY A 585 -23.40 9.14 -15.51
CA GLY A 585 -22.83 8.64 -16.76
C GLY A 585 -23.33 7.23 -17.02
N TYR A 586 -24.42 7.13 -17.78
CA TYR A 586 -25.12 5.87 -18.00
C TYR A 586 -24.44 5.03 -19.08
N SER A 587 -24.04 3.81 -18.74
CA SER A 587 -23.45 2.88 -19.71
C SER A 587 -24.54 2.13 -20.48
N GLU A 588 -24.44 2.20 -21.80
CA GLU A 588 -25.32 1.45 -22.71
C GLU A 588 -24.88 0.00 -22.92
N ILE A 589 -23.66 -0.32 -22.50
CA ILE A 589 -23.16 -1.69 -22.56
C ILE A 589 -23.51 -2.42 -21.26
N PHE A 590 -23.24 -1.78 -20.12
CA PHE A 590 -23.56 -2.37 -18.81
C PHE A 590 -24.97 -2.06 -18.28
N LEU A 591 -25.76 -1.27 -19.02
CA LEU A 591 -27.16 -0.95 -18.70
C LEU A 591 -27.38 -0.29 -17.34
N MET A 592 -26.39 0.48 -16.89
CA MET A 592 -26.46 1.16 -15.59
C MET A 592 -25.39 2.26 -15.55
N PRO A 593 -25.48 3.17 -14.57
CA PRO A 593 -24.43 4.19 -14.47
C PRO A 593 -23.03 3.65 -14.14
N LEU A 594 -22.02 4.19 -14.80
CA LEU A 594 -20.64 3.96 -14.39
C LEU A 594 -20.40 4.78 -13.14
N TRP A 595 -20.98 5.97 -13.09
CA TRP A 595 -20.93 6.85 -11.93
C TRP A 595 -22.24 7.66 -11.81
N THR A 596 -22.50 8.14 -10.59
CA THR A 596 -23.66 8.95 -10.27
C THR A 596 -23.22 9.98 -9.23
N SER A 597 -23.32 11.27 -9.56
CA SER A 597 -22.75 12.33 -8.74
C SER A 597 -23.82 13.26 -8.19
N TYR A 598 -23.73 13.57 -6.90
CA TYR A 598 -24.67 14.47 -6.24
C TYR A 598 -24.08 15.08 -4.98
N THR A 599 -24.70 16.18 -4.54
CA THR A 599 -24.19 17.01 -3.44
C THR A 599 -25.32 17.29 -2.47
N ILE A 600 -24.99 17.23 -1.18
CA ILE A 600 -25.94 17.45 -0.08
C ILE A 600 -25.34 18.46 0.88
N SER A 601 -26.09 19.52 1.16
CA SER A 601 -25.71 20.54 2.12
C SER A 601 -25.80 20.02 3.55
N LYS A 602 -25.17 20.77 4.45
CA LYS A 602 -25.32 20.57 5.90
C LYS A 602 -26.79 20.63 6.33
N GLN A 603 -27.55 21.54 5.72
CA GLN A 603 -28.92 21.81 6.14
C GLN A 603 -29.98 20.99 5.40
N ALA A 604 -29.57 20.08 4.51
CA ALA A 604 -30.52 19.35 3.63
C ALA A 604 -31.36 18.32 4.36
N GLU A 605 -32.55 18.05 3.81
CA GLU A 605 -33.56 17.22 4.46
C GLU A 605 -33.46 15.75 4.03
N VAL A 606 -33.60 14.85 4.99
CA VAL A 606 -33.82 13.43 4.74
C VAL A 606 -35.32 13.16 4.85
N SER A 607 -35.90 12.62 3.79
CA SER A 607 -37.30 12.16 3.78
C SER A 607 -37.33 10.64 3.56
N SER A 608 -38.51 10.06 3.79
CA SER A 608 -38.72 8.63 3.56
C SER A 608 -39.14 8.36 2.12
N ILE A 609 -39.12 7.09 1.72
CA ILE A 609 -39.73 6.64 0.47
C ILE A 609 -41.25 6.44 0.75
N PRO A 610 -42.13 7.12 -0.02
CA PRO A 610 -43.56 6.83 0.14
C PRO A 610 -43.93 5.37 -0.14
N GLU A 611 -45.01 4.91 0.47
CA GLU A 611 -45.43 3.50 0.37
C GLU A 611 -45.99 3.16 -1.02
N HIS A 612 -46.67 4.12 -1.64
CA HIS A 612 -47.18 3.95 -3.02
C HIS A 612 -46.10 3.92 -4.11
N LEU A 613 -44.88 4.35 -3.78
CA LEU A 613 -43.75 4.25 -4.70
C LEU A 613 -42.71 3.20 -4.25
N THR A 614 -43.09 2.26 -3.39
CA THR A 614 -42.16 1.23 -2.88
C THR A 614 -41.54 0.43 -4.04
N ASN A 615 -42.40 -0.08 -4.92
CA ASN A 615 -41.98 -0.85 -6.11
C ASN A 615 -41.97 -0.02 -7.40
N CYS A 616 -41.87 1.31 -7.28
CA CYS A 616 -41.89 2.19 -8.45
C CYS A 616 -40.55 2.14 -9.17
N VAL A 617 -40.63 1.82 -10.46
CA VAL A 617 -39.49 1.95 -11.37
C VAL A 617 -40.04 2.55 -12.65
N ARG A 618 -39.46 3.66 -13.08
CA ARG A 618 -39.96 4.40 -14.23
C ARG A 618 -39.02 4.26 -15.43
N PRO A 619 -39.58 4.07 -16.65
CA PRO A 619 -38.74 3.92 -17.82
C PRO A 619 -38.16 5.29 -18.20
N ASP A 620 -36.90 5.32 -18.63
CA ASP A 620 -36.20 6.59 -18.93
C ASP A 620 -36.29 6.93 -20.42
N VAL A 621 -37.06 7.98 -20.73
CA VAL A 621 -37.34 8.41 -22.13
C VAL A 621 -36.12 8.72 -23.01
N ARG A 622 -35.00 9.13 -22.40
CA ARG A 622 -33.79 9.51 -23.13
C ARG A 622 -32.89 8.33 -23.56
N VAL A 623 -33.25 7.12 -23.12
CA VAL A 623 -32.48 5.92 -23.42
C VAL A 623 -33.43 4.91 -24.05
N SER A 624 -32.99 4.29 -25.13
CA SER A 624 -33.83 3.29 -25.80
C SER A 624 -34.09 2.09 -24.90
N PRO A 625 -35.28 1.47 -25.06
CA PRO A 625 -35.59 0.20 -24.39
C PRO A 625 -34.52 -0.87 -24.61
N GLY A 626 -33.97 -0.91 -25.82
CA GLY A 626 -32.84 -1.77 -26.16
C GLY A 626 -31.68 -1.67 -25.18
N PHE A 627 -31.30 -0.45 -24.81
CA PHE A 627 -30.22 -0.20 -23.85
C PHE A 627 -30.73 0.18 -22.46
N SER A 628 -31.81 -0.45 -22.02
CA SER A 628 -32.37 -0.22 -20.68
C SER A 628 -32.47 -1.54 -19.93
N GLN A 629 -32.36 -1.48 -18.61
CA GLN A 629 -32.77 -2.62 -17.77
C GLN A 629 -34.27 -2.78 -17.85
N ASN A 630 -34.75 -3.96 -17.48
CA ASN A 630 -36.16 -4.22 -17.37
C ASN A 630 -36.46 -4.87 -16.01
N CYS A 631 -37.65 -4.59 -15.50
CA CYS A 631 -38.06 -5.03 -14.16
C CYS A 631 -38.47 -6.51 -14.08
N LEU A 632 -38.62 -7.16 -15.23
CA LEU A 632 -39.00 -8.56 -15.29
C LEU A 632 -37.92 -9.49 -14.75
N ALA A 633 -36.68 -9.30 -15.20
CA ALA A 633 -35.59 -10.16 -14.75
C ALA A 633 -35.49 -10.21 -13.23
N TYR A 634 -35.71 -9.07 -12.56
CA TYR A 634 -35.74 -8.99 -11.09
C TYR A 634 -36.84 -9.84 -10.43
N LYS A 635 -37.99 -9.95 -11.10
CA LYS A 635 -39.05 -10.91 -10.72
C LYS A 635 -38.52 -12.35 -10.91
N ASN A 636 -38.15 -12.71 -12.14
CA ASN A 636 -37.59 -14.03 -12.48
C ASN A 636 -36.40 -14.45 -11.59
N ASP A 637 -35.58 -13.48 -11.18
CA ASP A 637 -34.43 -13.73 -10.33
C ASP A 637 -34.82 -13.68 -8.84
N LYS A 638 -34.95 -14.86 -8.25
CA LYS A 638 -35.42 -14.99 -6.86
C LYS A 638 -34.44 -14.48 -5.79
N GLN A 639 -33.15 -14.39 -6.13
CA GLN A 639 -32.11 -13.90 -5.18
C GLN A 639 -31.83 -12.41 -5.34
N MET A 640 -31.97 -11.91 -6.57
CA MET A 640 -31.61 -10.53 -6.87
C MET A 640 -32.80 -9.61 -6.72
N SER A 641 -32.59 -8.51 -6.02
CA SER A 641 -33.54 -7.40 -5.98
C SER A 641 -32.81 -6.19 -6.60
N TYR A 642 -33.16 -4.97 -6.21
CA TYR A 642 -32.52 -3.80 -6.78
C TYR A 642 -32.40 -2.66 -5.78
N GLY A 643 -31.49 -1.75 -6.08
CA GLY A 643 -31.33 -0.49 -5.35
C GLY A 643 -31.11 0.63 -6.33
N PHE A 644 -30.96 1.83 -5.79
CA PHE A 644 -30.76 3.04 -6.60
C PHE A 644 -29.48 3.74 -6.18
N LEU A 645 -28.73 4.25 -7.16
CA LEU A 645 -27.47 4.95 -6.88
C LEU A 645 -27.70 6.31 -6.23
N PHE A 646 -28.32 7.26 -6.93
CA PHE A 646 -28.83 8.44 -6.21
C PHE A 646 -29.95 7.99 -5.27
N PRO A 647 -29.87 8.35 -3.97
CA PRO A 647 -30.91 7.94 -3.04
C PRO A 647 -32.24 8.68 -3.20
N PRO A 648 -33.36 7.94 -3.35
CA PRO A 648 -34.65 8.60 -3.26
C PRO A 648 -34.88 9.24 -1.87
N TYR A 649 -34.18 8.74 -0.83
CA TYR A 649 -34.28 9.30 0.52
C TYR A 649 -33.78 10.74 0.67
N LEU A 650 -32.99 11.24 -0.28
CA LEU A 650 -32.47 12.62 -0.22
C LEU A 650 -32.99 13.51 -1.34
N SER A 651 -34.16 13.16 -1.88
CA SER A 651 -34.79 14.00 -2.87
C SER A 651 -35.06 15.40 -2.28
N SER A 652 -34.76 16.43 -3.06
CA SER A 652 -35.02 17.82 -2.64
C SER A 652 -36.52 18.15 -2.50
N SER A 653 -37.38 17.40 -3.21
CA SER A 653 -38.83 17.57 -3.14
C SER A 653 -39.55 16.28 -3.54
N PRO A 654 -40.86 16.17 -3.25
CA PRO A 654 -41.68 15.06 -3.77
C PRO A 654 -41.66 14.89 -5.29
N GLU A 655 -41.60 16.01 -6.02
CA GLU A 655 -41.61 15.99 -7.49
C GLU A 655 -40.26 15.51 -8.00
N ALA A 656 -39.18 16.08 -7.44
CA ALA A 656 -37.81 15.69 -7.78
C ALA A 656 -37.53 14.20 -7.49
N LYS A 657 -38.00 13.74 -6.33
CA LYS A 657 -37.96 12.30 -5.92
C LYS A 657 -38.26 11.27 -7.01
N TYR A 658 -39.19 11.60 -7.90
CA TYR A 658 -39.57 10.72 -8.99
C TYR A 658 -38.44 10.38 -9.99
N ASP A 659 -37.47 11.28 -10.15
CA ASP A 659 -36.29 10.98 -10.97
C ASP A 659 -35.41 9.89 -10.35
N ALA A 660 -35.39 9.80 -9.02
CA ALA A 660 -34.68 8.73 -8.32
C ALA A 660 -35.19 7.32 -8.69
N PHE A 661 -36.46 7.21 -9.04
CA PHE A 661 -37.02 5.92 -9.45
C PHE A 661 -36.92 5.62 -10.96
N LEU A 662 -36.10 6.37 -11.69
CA LEU A 662 -35.82 6.05 -13.10
C LEU A 662 -35.10 4.71 -13.23
N VAL A 663 -35.27 4.06 -14.37
CA VAL A 663 -34.62 2.78 -14.66
C VAL A 663 -33.09 2.93 -14.85
N THR A 664 -32.67 4.15 -15.17
CA THR A 664 -31.30 4.50 -15.44
C THR A 664 -30.52 4.92 -14.18
N ASN A 665 -31.18 4.89 -13.02
CA ASN A 665 -30.54 5.04 -11.69
C ASN A 665 -30.56 3.68 -10.92
N MET A 666 -30.91 2.58 -11.60
CA MET A 666 -31.25 1.30 -10.96
C MET A 666 -30.07 0.35 -11.03
N VAL A 667 -29.81 -0.37 -9.94
CA VAL A 667 -28.69 -1.31 -9.88
C VAL A 667 -29.09 -2.62 -9.18
N PRO A 668 -28.58 -3.79 -9.68
CA PRO A 668 -28.91 -5.06 -9.03
C PRO A 668 -28.28 -5.19 -7.64
N MET A 669 -29.11 -5.53 -6.65
CA MET A 669 -28.69 -5.60 -5.25
C MET A 669 -29.36 -6.75 -4.52
N TYR A 670 -28.57 -7.46 -3.70
CA TYR A 670 -29.10 -8.57 -2.93
C TYR A 670 -29.85 -7.94 -1.75
N PRO A 671 -30.93 -8.59 -1.29
CA PRO A 671 -31.60 -8.10 -0.08
C PRO A 671 -30.65 -7.92 1.11
N ALA A 672 -29.73 -8.88 1.29
CA ALA A 672 -28.65 -8.73 2.26
C ALA A 672 -27.88 -7.42 2.08
N PHE A 673 -27.48 -7.13 0.85
CA PHE A 673 -26.75 -5.89 0.55
C PHE A 673 -27.57 -4.61 0.68
N LYS A 674 -28.88 -4.71 0.39
CA LYS A 674 -29.80 -3.57 0.54
C LYS A 674 -29.91 -3.02 1.96
N ARG A 675 -29.78 -3.90 2.97
CA ARG A 675 -29.65 -3.47 4.37
C ARG A 675 -28.44 -2.55 4.59
N VAL A 676 -27.32 -2.89 3.95
CA VAL A 676 -26.10 -2.09 4.06
C VAL A 676 -26.30 -0.76 3.33
N TRP A 677 -26.75 -0.87 2.08
CA TRP A 677 -26.88 0.27 1.18
C TRP A 677 -27.92 1.29 1.64
N ALA A 678 -29.09 0.82 2.10
CA ALA A 678 -30.16 1.70 2.57
C ALA A 678 -29.77 2.50 3.81
N TYR A 679 -29.02 1.86 4.72
CA TYR A 679 -28.57 2.52 5.94
C TYR A 679 -27.54 3.62 5.61
N PHE A 680 -26.67 3.34 4.63
CA PHE A 680 -25.73 4.33 4.11
C PHE A 680 -26.46 5.57 3.57
N GLN A 681 -27.38 5.33 2.64
CA GLN A 681 -28.16 6.40 1.98
C GLN A 681 -29.08 7.22 2.91
N ARG A 682 -29.88 6.52 3.69
CA ARG A 682 -30.90 7.18 4.53
C ARG A 682 -30.33 7.92 5.73
N VAL A 683 -29.27 7.36 6.35
CA VAL A 683 -28.71 7.89 7.60
C VAL A 683 -27.32 8.50 7.42
N LEU A 684 -26.37 7.72 6.89
CA LEU A 684 -24.94 8.09 6.90
C LEU A 684 -24.56 9.20 5.93
N VAL A 685 -25.20 9.26 4.76
CA VAL A 685 -24.91 10.31 3.79
C VAL A 685 -25.31 11.65 4.40
N LYS A 686 -26.44 11.68 5.10
CA LYS A 686 -26.85 12.85 5.85
C LYS A 686 -25.87 13.13 6.98
N LYS A 687 -25.61 12.11 7.79
CA LYS A 687 -24.64 12.22 8.89
C LYS A 687 -23.35 12.90 8.43
N TYR A 688 -22.74 12.38 7.37
CA TYR A 688 -21.48 12.95 6.85
C TYR A 688 -21.65 14.38 6.31
N ALA A 689 -22.81 14.67 5.72
CA ALA A 689 -23.10 16.04 5.28
C ALA A 689 -23.18 17.00 6.46
N SER A 690 -23.89 16.60 7.53
CA SER A 690 -23.99 17.41 8.75
C SER A 690 -22.63 17.74 9.36
N GLU A 691 -21.79 16.72 9.52
CA GLU A 691 -20.50 16.86 10.19
C GLU A 691 -19.45 17.60 9.38
N ARG A 692 -19.46 17.42 8.05
CA ARG A 692 -18.44 18.02 7.16
C ARG A 692 -18.86 19.31 6.43
N ASN A 693 -19.95 19.93 6.87
CA ASN A 693 -20.57 21.08 6.19
C ASN A 693 -20.91 20.76 4.72
N GLY A 694 -21.73 19.73 4.57
CA GLY A 694 -22.08 19.19 3.27
C GLY A 694 -20.99 18.29 2.69
N VAL A 695 -21.38 17.50 1.70
CA VAL A 695 -20.50 16.53 1.04
C VAL A 695 -20.95 16.32 -0.41
N ASN A 696 -19.96 16.13 -1.31
CA ASN A 696 -20.23 15.60 -2.65
C ASN A 696 -20.05 14.10 -2.60
N VAL A 697 -20.84 13.37 -3.37
CA VAL A 697 -20.87 11.90 -3.36
C VAL A 697 -20.88 11.41 -4.80
N ILE A 698 -19.87 10.65 -5.21
CA ILE A 698 -19.94 9.93 -6.48
C ILE A 698 -20.03 8.44 -6.18
N SER A 699 -21.18 7.84 -6.47
CA SER A 699 -21.39 6.41 -6.27
C SER A 699 -21.45 5.68 -7.61
N GLY A 700 -21.18 4.38 -7.59
CA GLY A 700 -21.29 3.55 -8.79
C GLY A 700 -21.00 2.08 -8.50
N PRO A 701 -21.13 1.21 -9.53
CA PRO A 701 -20.76 -0.19 -9.44
C PRO A 701 -19.28 -0.44 -9.76
N ILE A 702 -18.81 -1.63 -9.39
CA ILE A 702 -17.55 -2.18 -9.83
C ILE A 702 -17.80 -3.63 -10.26
N PHE A 703 -17.16 -4.04 -11.35
CA PHE A 703 -17.07 -5.44 -11.75
C PHE A 703 -15.60 -5.89 -11.72
N ASP A 704 -15.29 -6.86 -10.84
CA ASP A 704 -13.95 -7.46 -10.72
C ASP A 704 -14.00 -8.94 -10.39
N TYR A 705 -14.55 -9.72 -11.32
CA TYR A 705 -14.78 -11.17 -11.11
C TYR A 705 -13.48 -11.98 -11.07
N ASN A 706 -12.47 -11.53 -11.81
CA ASN A 706 -11.14 -12.15 -11.80
C ASN A 706 -10.20 -11.56 -10.75
N TYR A 707 -10.75 -10.71 -9.88
CA TYR A 707 -10.10 -10.18 -8.68
C TYR A 707 -8.63 -9.78 -8.91
N ASP A 708 -8.43 -8.92 -9.91
CA ASP A 708 -7.12 -8.31 -10.20
C ASP A 708 -7.08 -6.82 -9.86
N GLY A 709 -8.11 -6.32 -9.17
CA GLY A 709 -8.20 -4.90 -8.80
C GLY A 709 -8.38 -3.92 -9.97
N LEU A 710 -8.66 -4.48 -11.15
CA LEU A 710 -8.79 -3.73 -12.38
C LEU A 710 -10.17 -3.96 -13.01
N ARG A 711 -10.67 -2.95 -13.71
CA ARG A 711 -11.98 -2.98 -14.38
C ARG A 711 -12.15 -4.22 -15.29
N ASP A 712 -13.17 -5.04 -15.01
CA ASP A 712 -13.54 -6.14 -15.91
C ASP A 712 -14.03 -5.60 -17.25
N THR A 713 -13.66 -6.32 -18.30
CA THR A 713 -14.30 -6.19 -19.60
C THR A 713 -15.62 -7.00 -19.56
N GLU A 714 -16.40 -6.92 -20.63
CA GLU A 714 -17.64 -7.70 -20.73
C GLU A 714 -17.37 -9.20 -20.67
N ASP A 715 -16.40 -9.63 -21.47
CA ASP A 715 -15.95 -11.03 -21.54
C ASP A 715 -15.71 -11.64 -20.15
N GLU A 716 -15.17 -10.83 -19.23
CA GLU A 716 -14.85 -11.27 -17.86
C GLU A 716 -16.00 -11.23 -16.81
N ILE A 717 -17.20 -10.81 -17.22
CA ILE A 717 -18.39 -10.81 -16.33
C ILE A 717 -19.00 -12.22 -16.29
N LYS A 718 -19.25 -12.74 -15.09
CA LYS A 718 -19.67 -14.15 -14.89
C LYS A 718 -21.04 -14.35 -14.24
N GLN A 719 -21.68 -13.26 -13.81
CA GLN A 719 -23.02 -13.33 -13.28
C GLN A 719 -23.88 -12.24 -13.87
N TYR A 720 -25.05 -12.64 -14.32
CA TYR A 720 -26.07 -11.74 -14.81
C TYR A 720 -27.36 -12.01 -14.06
N VAL A 721 -28.23 -11.02 -14.01
CA VAL A 721 -29.58 -11.23 -13.48
C VAL A 721 -30.18 -12.31 -14.38
N GLU A 722 -30.80 -13.32 -13.77
CA GLU A 722 -31.35 -14.48 -14.52
C GLU A 722 -32.13 -14.11 -15.79
N GLY A 723 -31.84 -14.83 -16.87
CA GLY A 723 -32.49 -14.63 -18.16
C GLY A 723 -32.36 -13.24 -18.78
N SER A 724 -31.24 -12.58 -18.52
CA SER A 724 -30.99 -11.21 -19.01
C SER A 724 -29.52 -11.00 -19.30
N SER A 725 -29.19 -9.79 -19.77
CA SER A 725 -27.81 -9.34 -19.88
C SER A 725 -27.57 -8.10 -19.01
N ILE A 726 -28.14 -8.12 -17.80
CA ILE A 726 -27.86 -7.09 -16.79
C ILE A 726 -26.74 -7.68 -15.94
N PRO A 727 -25.53 -7.09 -15.99
CA PRO A 727 -24.42 -7.67 -15.24
C PRO A 727 -24.45 -7.28 -13.78
N VAL A 728 -24.03 -8.21 -12.93
CA VAL A 728 -24.05 -8.04 -11.47
C VAL A 728 -22.68 -7.51 -10.98
N PRO A 729 -22.66 -6.30 -10.37
CA PRO A 729 -21.43 -5.79 -9.76
C PRO A 729 -20.88 -6.67 -8.64
N THR A 730 -19.56 -6.75 -8.55
CA THR A 730 -18.92 -7.44 -7.43
C THR A 730 -18.83 -6.51 -6.22
N HIS A 731 -18.76 -5.20 -6.47
CA HIS A 731 -18.70 -4.19 -5.41
C HIS A 731 -19.47 -2.95 -5.81
N TYR A 732 -19.78 -2.11 -4.82
CA TYR A 732 -20.30 -0.77 -5.03
C TYR A 732 -19.39 0.23 -4.33
N TYR A 733 -18.99 1.28 -5.04
CA TYR A 733 -18.10 2.30 -4.50
C TYR A 733 -18.84 3.57 -4.17
N SER A 734 -18.20 4.43 -3.38
CA SER A 734 -18.63 5.83 -3.26
C SER A 734 -17.45 6.71 -2.92
N ILE A 735 -17.37 7.88 -3.56
CA ILE A 735 -16.30 8.83 -3.26
C ILE A 735 -16.96 10.06 -2.69
N ILE A 736 -16.69 10.32 -1.41
CA ILE A 736 -17.37 11.36 -0.65
C ILE A 736 -16.39 12.49 -0.34
N THR A 737 -16.51 13.61 -1.05
CA THR A 737 -15.59 14.76 -0.93
C THR A 737 -16.25 15.96 -0.25
N SER A 738 -15.45 16.77 0.43
CA SER A 738 -15.90 18.03 1.04
C SER A 738 -14.71 18.97 1.28
N CYS A 739 -14.97 20.15 1.83
CA CYS A 739 -13.90 21.12 2.09
C CYS A 739 -13.11 20.77 3.36
N LEU A 740 -11.79 20.63 3.25
CA LEU A 740 -10.91 20.37 4.40
C LEU A 740 -11.06 21.47 5.45
N ASP A 741 -11.09 22.71 4.97
CA ASP A 741 -11.51 23.84 5.80
C ASP A 741 -13.02 23.69 5.97
N PHE A 742 -13.40 22.99 7.04
CA PHE A 742 -14.80 22.60 7.26
C PHE A 742 -15.79 23.75 7.52
N THR A 743 -15.26 24.94 7.83
CA THR A 743 -16.08 26.15 7.92
C THR A 743 -16.75 26.53 6.61
N GLN A 744 -16.03 26.37 5.49
CA GLN A 744 -16.58 26.60 4.16
C GLN A 744 -17.33 25.35 3.69
N PRO A 745 -18.51 25.53 3.06
CA PRO A 745 -19.25 24.37 2.54
C PRO A 745 -18.63 23.76 1.27
N ALA A 746 -19.11 22.57 0.90
CA ALA A 746 -18.49 21.75 -0.13
C ALA A 746 -18.45 22.42 -1.50
N ASP A 747 -19.57 22.98 -1.90
CA ASP A 747 -19.70 23.65 -3.21
C ASP A 747 -19.02 25.03 -3.31
N LYS A 748 -18.58 25.57 -2.16
CA LYS A 748 -17.81 26.82 -2.11
C LYS A 748 -16.53 26.62 -1.27
N CYS A 749 -15.62 25.78 -1.76
CA CYS A 749 -14.37 25.49 -1.08
C CYS A 749 -13.21 26.21 -1.76
N ASP A 750 -12.67 27.23 -1.08
CA ASP A 750 -11.43 27.89 -1.51
C ASP A 750 -10.22 26.97 -1.36
N GLY A 751 -10.06 26.42 -0.16
CA GLY A 751 -8.84 25.71 0.21
C GLY A 751 -8.78 24.27 -0.27
N PRO A 752 -7.88 23.47 0.33
CA PRO A 752 -7.79 22.05 0.01
C PRO A 752 -9.03 21.21 0.25
N LEU A 753 -9.03 20.03 -0.37
CA LEU A 753 -10.12 19.06 -0.36
C LEU A 753 -9.86 17.89 0.59
N SER A 754 -10.93 17.44 1.25
CA SER A 754 -10.93 16.26 2.12
C SER A 754 -11.82 15.18 1.51
N VAL A 755 -11.28 13.96 1.39
CA VAL A 755 -11.99 12.81 0.82
C VAL A 755 -11.99 11.61 1.76
N SER A 756 -13.12 10.89 1.75
CA SER A 756 -13.18 9.51 2.20
C SER A 756 -13.88 8.67 1.12
N SER A 757 -13.52 7.39 1.03
CA SER A 757 -14.15 6.46 0.10
C SER A 757 -14.28 5.04 0.66
N PHE A 758 -15.13 4.24 0.00
CA PHE A 758 -15.14 2.80 0.22
C PHE A 758 -15.47 2.01 -1.04
N ILE A 759 -15.26 0.70 -0.95
CA ILE A 759 -15.63 -0.27 -1.98
C ILE A 759 -16.32 -1.42 -1.27
N LEU A 760 -17.63 -1.30 -1.09
CA LEU A 760 -18.41 -2.32 -0.38
C LEU A 760 -18.58 -3.55 -1.25
N PRO A 761 -18.24 -4.75 -0.73
CA PRO A 761 -18.45 -5.94 -1.53
C PRO A 761 -19.93 -6.28 -1.56
N HIS A 762 -20.41 -6.69 -2.72
CA HIS A 762 -21.83 -6.87 -2.99
C HIS A 762 -22.14 -8.35 -2.82
N ARG A 763 -22.57 -8.72 -1.61
CA ARG A 763 -22.68 -10.12 -1.19
C ARG A 763 -24.12 -10.52 -0.86
N PRO A 764 -24.51 -11.79 -1.15
CA PRO A 764 -25.87 -12.25 -0.84
C PRO A 764 -26.16 -12.52 0.64
N ASP A 765 -25.15 -12.36 1.49
CA ASP A 765 -25.34 -12.49 2.94
C ASP A 765 -24.51 -11.42 3.63
N ASN A 766 -24.78 -11.24 4.92
CA ASN A 766 -23.95 -10.41 5.79
C ASN A 766 -23.23 -11.27 6.85
N ASP A 767 -22.67 -12.40 6.41
CA ASP A 767 -21.94 -13.30 7.30
C ASP A 767 -20.59 -12.72 7.73
N GLU A 768 -20.02 -11.83 6.90
CA GLU A 768 -18.87 -11.01 7.28
C GLU A 768 -19.11 -10.25 8.60
N SER A 769 -20.33 -9.71 8.77
CA SER A 769 -20.72 -8.97 9.98
C SER A 769 -21.40 -9.89 10.98
N CYS A 770 -20.66 -10.31 12.01
CA CYS A 770 -21.19 -11.20 13.04
C CYS A 770 -22.33 -10.63 13.90
N ALA A 771 -22.54 -9.31 13.87
CA ALA A 771 -23.70 -8.67 14.49
C ALA A 771 -24.77 -8.24 13.45
N SER A 772 -24.80 -8.92 12.31
CA SER A 772 -25.71 -8.56 11.20
C SER A 772 -27.20 -8.74 11.52
N SER A 773 -27.52 -9.66 12.41
CA SER A 773 -28.91 -9.88 12.81
C SER A 773 -29.45 -8.76 13.72
N GLU A 774 -28.55 -7.97 14.32
CA GLU A 774 -28.95 -6.77 15.05
C GLU A 774 -29.24 -5.61 14.09
N ASP A 775 -29.82 -4.55 14.63
CA ASP A 775 -30.19 -3.35 13.86
C ASP A 775 -28.96 -2.69 13.21
N GLU A 776 -29.13 -2.18 12.00
CA GLU A 776 -28.04 -1.69 11.14
C GLU A 776 -27.05 -0.72 11.80
N SER A 777 -27.54 0.09 12.74
CA SER A 777 -26.70 1.01 13.53
C SER A 777 -25.65 0.31 14.39
N LYS A 778 -25.78 -1.00 14.61
CA LYS A 778 -24.77 -1.78 15.34
C LYS A 778 -23.60 -2.27 14.47
N TRP A 779 -23.79 -2.41 13.15
CA TRP A 779 -22.79 -3.10 12.31
C TRP A 779 -22.40 -2.50 10.94
N VAL A 780 -23.28 -1.73 10.31
CA VAL A 780 -23.07 -1.29 8.93
C VAL A 780 -21.86 -0.37 8.80
N GLU A 781 -21.81 0.65 9.66
CA GLU A 781 -20.69 1.59 9.62
C GLU A 781 -19.36 0.91 9.98
N GLU A 782 -19.40 -0.13 10.81
CA GLU A 782 -18.22 -0.97 11.07
C GLU A 782 -17.85 -1.75 9.80
N LEU A 783 -18.83 -2.27 9.08
CA LEU A 783 -18.57 -2.98 7.80
C LEU A 783 -17.93 -2.06 6.76
N MET A 784 -18.44 -0.83 6.66
CA MET A 784 -17.97 0.14 5.69
C MET A 784 -16.51 0.55 5.93
N LYS A 785 -16.21 0.89 7.19
CA LYS A 785 -14.87 1.33 7.62
C LYS A 785 -13.77 0.31 7.33
N MET A 786 -14.11 -0.96 7.52
CA MET A 786 -13.26 -2.10 7.16
C MET A 786 -12.94 -2.17 5.66
N HIS A 787 -13.86 -1.71 4.82
CA HIS A 787 -13.67 -1.67 3.36
C HIS A 787 -13.44 -0.26 2.82
N THR A 788 -13.00 0.64 3.70
CA THR A 788 -12.46 1.94 3.28
C THR A 788 -11.45 1.76 2.15
N ALA A 789 -11.34 2.78 1.30
CA ALA A 789 -10.49 2.72 0.11
C ALA A 789 -9.95 4.08 -0.29
N ARG A 790 -9.01 4.05 -1.23
CA ARG A 790 -8.45 5.26 -1.84
C ARG A 790 -9.26 5.54 -3.11
N VAL A 791 -9.29 6.80 -3.54
CA VAL A 791 -9.91 7.14 -4.82
C VAL A 791 -9.23 6.39 -5.97
N ARG A 792 -7.91 6.33 -5.91
CA ARG A 792 -7.09 5.58 -6.84
C ARG A 792 -7.50 4.11 -7.05
N ASP A 793 -7.86 3.42 -5.97
CA ASP A 793 -8.31 2.02 -6.05
C ASP A 793 -9.54 1.90 -6.93
N ILE A 794 -10.48 2.82 -6.72
CA ILE A 794 -11.71 2.87 -7.52
C ILE A 794 -11.44 3.16 -9.00
N GLU A 795 -10.48 4.05 -9.28
CA GLU A 795 -10.11 4.36 -10.66
C GLU A 795 -9.52 3.16 -11.37
N HIS A 796 -8.70 2.37 -10.67
CA HIS A 796 -8.22 1.11 -11.24
C HIS A 796 -9.39 0.20 -11.57
N LEU A 797 -10.30 0.08 -10.62
CA LEU A 797 -11.42 -0.83 -10.74
C LEU A 797 -12.52 -0.37 -11.71
N THR A 798 -12.58 0.93 -12.02
CA THR A 798 -13.65 1.49 -12.87
C THR A 798 -13.19 2.05 -14.21
N GLY A 799 -11.88 2.29 -14.38
CA GLY A 799 -11.37 2.89 -15.62
C GLY A 799 -11.84 4.32 -15.84
N LEU A 800 -12.09 5.04 -14.75
CA LEU A 800 -12.51 6.44 -14.78
C LEU A 800 -11.39 7.27 -14.14
N ASP A 801 -11.43 8.59 -14.35
CA ASP A 801 -10.47 9.51 -13.76
C ASP A 801 -11.23 10.67 -13.14
N PHE A 802 -11.06 10.87 -11.84
CA PHE A 802 -11.78 11.88 -11.05
C PHE A 802 -10.96 13.16 -10.79
N TYR A 803 -11.64 14.17 -10.25
CA TYR A 803 -11.06 15.47 -9.88
C TYR A 803 -10.27 16.16 -11.00
N ARG A 804 -10.89 16.27 -12.19
CA ARG A 804 -10.26 16.88 -13.37
C ARG A 804 -10.43 18.41 -13.44
N LYS A 805 -11.48 18.93 -12.81
CA LYS A 805 -11.72 20.37 -12.76
C LYS A 805 -11.78 20.87 -11.32
N THR A 806 -10.60 21.20 -10.80
CA THR A 806 -10.41 21.78 -9.47
C THR A 806 -9.51 23.00 -9.65
N SER A 807 -9.34 23.78 -8.58
CA SER A 807 -8.38 24.89 -8.55
C SER A 807 -7.03 24.47 -7.95
N ARG A 808 -6.86 23.18 -7.68
CA ARG A 808 -5.66 22.67 -7.05
C ARG A 808 -4.72 22.12 -8.12
N SER A 809 -3.42 22.18 -7.83
CA SER A 809 -2.38 21.62 -8.69
C SER A 809 -2.59 20.12 -8.82
N TYR A 810 -2.18 19.56 -9.96
CA TYR A 810 -2.44 18.17 -10.28
C TYR A 810 -1.67 17.18 -9.39
N SER A 811 -0.49 17.57 -8.92
CA SER A 811 0.29 16.71 -8.01
C SER A 811 -0.35 16.68 -6.62
N GLU A 812 -1.00 17.78 -6.23
CA GLU A 812 -1.80 17.82 -5.00
C GLU A 812 -3.07 16.94 -5.09
N ILE A 813 -3.67 16.85 -6.29
CA ILE A 813 -4.81 15.94 -6.51
C ILE A 813 -4.37 14.49 -6.42
N LEU A 814 -3.22 14.16 -6.98
CA LEU A 814 -2.68 12.81 -6.89
C LEU A 814 -2.49 12.36 -5.43
N THR A 815 -2.04 13.28 -4.56
CA THR A 815 -1.95 12.98 -3.11
C THR A 815 -3.33 12.65 -2.57
N LEU A 816 -4.31 13.49 -2.90
CA LEU A 816 -5.72 13.27 -2.50
C LEU A 816 -6.30 11.94 -2.99
N LYS A 817 -5.98 11.55 -4.22
CA LYS A 817 -6.41 10.25 -4.76
C LYS A 817 -5.76 9.02 -4.13
N THR A 818 -4.52 9.14 -3.64
CA THR A 818 -3.84 8.05 -2.93
C THR A 818 -4.17 8.01 -1.44
N TYR A 819 -4.84 9.04 -0.90
CA TYR A 819 -5.10 9.09 0.54
C TYR A 819 -6.11 8.03 0.98
N LEU A 820 -5.82 7.40 2.13
CA LEU A 820 -6.68 6.38 2.70
C LEU A 820 -7.13 6.81 4.09
N HIS A 821 -8.45 6.93 4.30
CA HIS A 821 -9.01 7.14 5.62
C HIS A 821 -9.03 5.77 6.28
N THR A 822 -8.50 5.68 7.49
CA THR A 822 -8.31 4.41 8.21
C THR A 822 -9.15 4.27 9.48
N TYR A 823 -9.46 5.39 10.14
CA TYR A 823 -10.31 5.42 11.35
C TYR A 823 -9.57 4.82 12.55
N GLU A 824 -8.36 5.34 12.78
CA GLU A 824 -7.51 4.96 13.93
C GLU A 824 -7.25 6.17 14.82
C1 NAG B . 0.24 -3.03 -10.10
C2 NAG B . -1.12 -3.13 -10.78
C3 NAG B . -1.09 -4.37 -11.64
C4 NAG B . 0.02 -4.30 -12.66
C5 NAG B . 1.36 -3.83 -12.08
C6 NAG B . 2.38 -3.36 -13.11
C7 NAG B . -3.22 -2.41 -9.70
C8 NAG B . -4.18 -2.76 -8.60
N2 NAG B . -2.19 -3.24 -9.81
O3 NAG B . -2.38 -4.49 -12.24
O4 NAG B . 0.16 -5.64 -13.07
O5 NAG B . 1.14 -2.74 -11.17
O6 NAG B . 1.94 -2.21 -13.83
O7 NAG B . -3.39 -1.42 -10.40
C1 NAG B . 0.43 -5.83 -14.45
C2 NAG B . 1.36 -7.02 -14.66
C3 NAG B . 1.40 -7.45 -16.12
C4 NAG B . 0.00 -7.52 -16.73
C5 NAG B . -0.76 -6.25 -16.42
C6 NAG B . -2.19 -6.24 -16.92
C7 NAG B . 3.18 -6.96 -13.00
C8 NAG B . 4.61 -6.52 -12.75
N2 NAG B . 2.70 -6.70 -14.22
O3 NAG B . 2.03 -8.73 -16.18
O4 NAG B . 0.05 -7.56 -18.14
O5 NAG B . -0.79 -6.14 -15.01
O6 NAG B . -2.90 -7.35 -16.36
O7 NAG B . 2.54 -7.50 -12.12
C1 BMA B . -0.06 -8.87 -18.70
C2 BMA B . -0.88 -8.71 -19.97
C3 BMA B . -0.84 -9.96 -20.83
C4 BMA B . 0.62 -10.35 -21.03
C5 BMA B . 1.24 -10.64 -19.68
C6 BMA B . 2.67 -11.17 -19.75
O2 BMA B . -0.37 -7.58 -20.70
O3 BMA B . -1.49 -9.72 -22.09
O4 BMA B . 0.73 -11.50 -21.88
O5 BMA B . 1.24 -9.42 -18.95
O6 BMA B . 3.15 -11.37 -18.42
C1 MAN B . 4.59 -11.46 -18.34
C2 MAN B . 4.91 -11.90 -16.91
C3 MAN B . 4.60 -10.76 -15.95
C4 MAN B . 5.31 -9.49 -16.37
C5 MAN B . 4.92 -9.13 -17.81
C6 MAN B . 5.53 -7.82 -18.31
O2 MAN B . 6.28 -12.32 -16.83
O3 MAN B . 4.95 -11.07 -14.60
O4 MAN B . 4.98 -8.42 -15.48
O5 MAN B . 5.28 -10.23 -18.67
O6 MAN B . 6.59 -7.40 -17.44
C1 MAN B . 3.95 -11.82 -13.89
C2 MAN B . 3.93 -11.46 -12.40
C3 MAN B . 5.25 -11.87 -11.77
C4 MAN B . 5.61 -13.34 -12.04
C5 MAN B . 5.35 -13.76 -13.49
C6 MAN B . 5.25 -15.27 -13.60
O2 MAN B . 2.81 -12.12 -11.76
O3 MAN B . 5.20 -11.68 -10.35
O4 MAN B . 6.99 -13.54 -11.75
O5 MAN B . 4.13 -13.24 -14.01
O6 MAN B . 4.96 -15.63 -14.96
C1 MAN B . 1.66 -11.25 -11.59
C2 MAN B . 0.65 -11.88 -10.64
C3 MAN B . -0.14 -13.01 -11.31
C4 MAN B . -0.73 -12.55 -12.64
C5 MAN B . 0.34 -11.93 -13.53
C6 MAN B . -0.24 -11.34 -14.80
O2 MAN B . -0.26 -10.88 -10.19
O3 MAN B . -1.19 -13.46 -10.45
O4 MAN B . -1.31 -13.67 -13.32
O5 MAN B . 1.01 -10.88 -12.82
O6 MAN B . 0.82 -11.05 -15.73
C1 MAN B . 7.12 -6.09 -17.78
C2 MAN B . 8.55 -6.23 -18.28
C3 MAN B . 9.48 -6.68 -17.15
C4 MAN B . 9.32 -5.83 -15.88
C5 MAN B . 7.86 -5.59 -15.51
C6 MAN B . 7.68 -4.46 -14.49
O2 MAN B . 8.97 -4.96 -18.86
O3 MAN B . 10.83 -6.59 -17.62
O4 MAN B . 9.95 -6.52 -14.79
O5 MAN B . 7.10 -5.19 -16.67
O6 MAN B . 8.14 -4.80 -13.18
C1 MAN B . -2.93 -9.81 -22.03
C2 MAN B . -3.38 -11.03 -22.85
C3 MAN B . -3.38 -10.77 -24.36
C4 MAN B . -3.83 -9.36 -24.73
C5 MAN B . -3.24 -8.28 -23.83
C6 MAN B . -3.75 -6.90 -24.23
O2 MAN B . -4.66 -11.49 -22.40
O3 MAN B . -4.21 -11.72 -25.06
O4 MAN B . -3.38 -9.10 -26.04
O5 MAN B . -3.57 -8.60 -22.47
O6 MAN B . -3.26 -5.91 -23.32
I IOD C . 3.53 -15.28 5.93
I IOD D . 3.96 -22.83 2.84
I IOD E . -42.55 0.46 -18.32
I IOD F . 22.38 -1.79 13.38
I IOD G . -6.28 18.66 -2.76
I IOD H . -22.78 22.19 0.20
I IOD I . 1.80 19.51 -11.01
I IOD J . -15.85 -3.26 -21.99
I IOD K . -3.98 -31.30 20.31
ZN ZN L . 9.72 -10.28 12.26
ZN ZN M . 10.59 -7.29 8.71
CA CA N . -10.87 -7.35 -13.19
C1 7C8 O . 16.79 -13.57 0.76
C2 7C8 O . 18.31 -13.68 0.63
C3 7C8 O . 19.03 -13.09 1.86
C4 7C8 O . 18.34 -13.27 3.22
C5 7C8 O . 18.98 -12.47 4.36
N1 7C8 O . 19.03 -11.01 4.10
C6 7C8 O . 19.58 -10.31 5.27
C7 7C8 O . 20.07 -8.95 4.79
N2 7C8 O . 19.08 -8.30 3.92
C8 7C8 O . 19.43 -7.21 3.18
O2 7C8 O . 20.60 -6.96 2.92
O3 7C8 O . 18.39 -6.28 2.71
C9 7C8 O . 18.63 -5.13 1.88
C10 7C8 O . 17.36 -4.64 1.19
C11 7C8 O . 16.72 -5.51 0.31
C12 7C8 O . 15.55 -5.10 -0.34
CL1 7C8 O . 14.71 -6.21 -1.47
C13 7C8 O . 15.03 -3.84 -0.12
C14 7C8 O . 15.66 -2.97 0.75
CL2 7C8 O . 14.90 -1.35 0.96
C15 7C8 O . 16.84 -3.37 1.41
C16 7C8 O . 18.88 -13.03 -0.67
C17 7C8 O . 20.38 -13.32 -0.80
C18 7C8 O . 20.68 -13.40 -2.30
C19 7C8 O . 19.43 -12.92 -3.00
C20 7C8 O . 19.21 -13.28 -4.48
C21 7C8 O . 20.36 -12.88 -5.41
O4 7C8 O . 21.57 -13.58 -5.11
C22 7C8 O . 20.05 -13.17 -6.88
C23 7C8 O . 18.70 -12.63 -7.37
C24 7C8 O . 18.83 -11.14 -7.66
C25 7C8 O . 17.52 -10.54 -8.18
O5 7C8 O . 17.67 -9.13 -8.37
C26 7C8 O . 16.40 -10.80 -7.18
C27 7C8 O . 16.26 -12.30 -6.95
C28 7C8 O . 17.54 -12.99 -6.43
C29 7C8 O . 17.26 -14.50 -6.58
C30 7C8 O . 17.90 -12.60 -4.97
C31 7C8 O . 16.74 -12.75 -3.97
C32 7C8 O . 17.09 -12.59 -2.48
C33 7C8 O . 18.31 -13.37 -2.05
C34 7C8 O . 18.02 -14.88 -2.15
C35 7C8 O . 17.72 -10.40 3.78
C36 7C8 O . 17.72 -8.87 3.91
NA NA P . -35.84 -10.96 -6.57
S SCN Q . 0.08 15.12 8.77
C SCN Q . 0.96 16.18 7.81
N SCN Q . 1.57 16.91 7.14
S SCN R . -35.65 -7.06 -0.37
C SCN R . -36.34 -7.95 -1.63
N SCN R . -36.84 -8.55 -2.48
S SCN S . -31.62 2.14 -2.97
C SCN S . -31.97 1.78 -1.35
N SCN S . -32.24 1.54 -0.25
S SCN T . 39.09 -3.81 -3.00
C SCN T . 39.34 -3.48 -1.37
N SCN T . 39.51 -3.24 -0.25
C1 GOL U . -28.43 -11.92 5.42
O1 GOL U . -27.45 -12.51 6.27
C2 GOL U . -29.34 -10.99 6.23
O2 GOL U . -28.54 -10.09 7.00
C3 GOL U . -30.29 -10.16 5.36
O3 GOL U . -30.57 -10.74 4.07
C1 GOL V . -15.13 -28.91 8.23
O1 GOL V . -14.94 -29.04 9.64
C2 GOL V . -14.49 -30.06 7.50
O2 GOL V . -14.84 -30.03 6.11
C3 GOL V . -12.97 -30.01 7.65
O3 GOL V . -12.34 -31.02 6.84
C1 GOL W . 4.16 4.71 -12.72
O1 GOL W . 3.61 4.30 -11.45
C2 GOL W . 4.39 3.50 -13.61
O2 GOL W . 3.17 2.74 -13.70
C3 GOL W . 4.87 3.83 -15.03
O3 GOL W . 5.12 5.23 -15.24
#